data_8W8Q
#
_entry.id   8W8Q
#
_cell.length_a   1.00
_cell.length_b   1.00
_cell.length_c   1.00
_cell.angle_alpha   90.00
_cell.angle_beta   90.00
_cell.angle_gamma   90.00
#
_symmetry.space_group_name_H-M   'P 1'
#
loop_
_entity.id
_entity.type
_entity.pdbx_description
1 polymer 'Soluble cytochrome b562,Probable G-protein coupled receptor 101'
2 polymer 'Guanine nucleotide-binding protein G(s) subunit alpha isoforms short'
3 polymer 'Guanine nucleotide-binding protein G(I)/G(S)/G(T) subunit beta-1'
4 polymer 'Guanine nucleotide-binding protein G(I)/G(S)/G(O) subunit gamma-2'
5 polymer Nb35
#
loop_
_entity_poly.entity_id
_entity_poly.type
_entity_poly.pdbx_seq_one_letter_code
_entity_poly.pdbx_strand_id
1 'polypeptide(L)'
;MKTIIALSYIFCLVFADYKDDDDKHHHHHHHHHHENLYFQGADLEDNWETLNDNLKVIEKADNAAQVKDALTKMRAAALD
AQKATPPKLEDKSPDSPEMKDFRHGFDILVGQIDDALKLANEGKVKEAQAAAEQLKTTRNAYIQKYLMTSTCTNSTRESN
SSHTCMPLSKMPISLAHGIIRSTVLVIFLAASFVGNIVLALVLQRKPQLLQVTNRFIFNLLVTDLLQISLVAPWVVATSV
PLFWPLNSHFCTALVSLTHLFAFASVNTIVVVSVDRYLSIIHPLSYPSKMTQRRGYLLLYGTWIVAILQSTPPLYGWGQA
AFDERNALCSMIWGASPSYTILSVVSFIVIPLIVMIACYSVVFCAARRQHALLYNVKRHSLEVRVKDCVENEDEEGAEKK
EEFQDESEFRRQHEGEVKAKEGRMEAKDGSLKAKEGSTGTSESSVEARGSEEVRESSTVASDGSMEGKEGSTKVEENSMK
ADKGRTEVNQCSIDLGEDDMEFGEDDINFSEDDVEAVNIPESLPPSRRNSNSNPPLPRCYQCKAAKVIFIIIFSYVLSLG
PYCFLAVLAVWVDVETQVPQWVITIIIWLFFLQCCIHPYVYGYMHKTIKKEIQDMLKKFFCKEKPPKEDSHPDLPGTEGG
TEGKIVPSYDSATFP
;
C
2 'polypeptide(L)'
;MGCLGNSKTEDQRNEEKAQREANKKIEKQLQKDKQVYRATHRLLLLGAGESGKNTIVKQFRILHVNGFNGEGGEEDPQAA
RSNSDGEKATKVQDIKNNLKEAIETIVAAMSNLVPPVELANPENQFRVDYILSVMNVPDFDFPPEFYEHAKALWEDEGVR
ACYERSNEYQLIDCAQYFLDKIDVIKQADYVPSDQDLLRCRVLTSGIFETKFQVDKVNFHMFDVGAQRDERRKWIQCFND
VTAIIFVVASSSYNMVIREDNQTNRLQAALKLFDSIWNNKWLRDTSVILFLNKQDLLAEKVLAGKSKIEDYFPEFARYTT
PEDATPEPGEDPRVTRAKYFIRDEFLRISTASGDGRHYCYPHFTCAVDTENIRRVFNDCRDIIQRMHLRQYELL
;
A
3 'polypeptide(L)'
;SELDQLRQEAEQLKNQIRDARKACADATLSQITNNIDPVGRIQMRTRRTLRGHLAKIYAMHWGTDSRLLVSASQDGKLII
WDSYTTNKVHAIPLRSSWVMTCAYAPSGNYVACGGLDNICSIYNLKTREGNVRVSRELAGHTGYLSCCRFLDDNQIVTSS
GDTTCALWDIETGQQTTTFTGHTGDVMSLSLAPDTRLFVSGACDASAKLWDVREGMCRQTFTGHESDINAICFFPNGNAF
ATGSDDATCRLFDLRADQELMTYSHDNIICGITSVSFSKSGRLLLAGYDDFNCNVWDALKADRAGVLAGHDNRVSCLGVT
DDGMAVATGSWDSFLKIWN
;
B
4 'polypeptide(L)' NTASIAQARKLVEQLKMEANIDRIKVSKAAADLMAYCEAHAKEDPLLTPVPASENPFR G
5 'polypeptide(L)'
;QVQLQESGGGLVQPGGSLRLSCAASGFTFSNYKMNWVRQAPGKGLEWVSDISQSGASISYTGSVKGRFTISRDNAKNTLY
LQMNSLKPEDTAVYYCARCPAPFTRDCFDVTSTTYAYRGQGTQVTVSS
;
N
#
# COMPACT_ATOMS: atom_id res chain seq x y z
N PRO A 172 -50.98 9.59 38.89
CA PRO A 172 -49.55 9.76 38.65
C PRO A 172 -48.83 8.45 38.43
N ILE A 173 -47.57 8.53 37.97
CA ILE A 173 -46.79 7.32 37.71
C ILE A 173 -46.35 6.71 39.03
N SER A 174 -46.45 5.39 39.12
CA SER A 174 -46.03 4.68 40.31
C SER A 174 -44.51 4.73 40.45
N LEU A 175 -44.03 4.43 41.66
CA LEU A 175 -42.60 4.45 41.92
C LEU A 175 -41.88 3.41 41.08
N ALA A 176 -42.46 2.21 40.96
CA ALA A 176 -41.82 1.18 40.16
C ALA A 176 -41.65 1.61 38.71
N HIS A 177 -42.73 2.05 38.07
CA HIS A 177 -42.66 2.43 36.65
C HIS A 177 -41.49 3.39 36.40
N GLY A 178 -41.35 4.39 37.26
CA GLY A 178 -40.20 5.28 37.16
C GLY A 178 -38.88 4.56 37.36
N ILE A 179 -38.84 3.61 38.30
CA ILE A 179 -37.58 2.90 38.57
C ILE A 179 -37.14 2.09 37.36
N ILE A 180 -38.06 1.32 36.77
CA ILE A 180 -37.72 0.55 35.58
C ILE A 180 -37.36 1.46 34.41
N ARG A 181 -38.10 2.55 34.22
CA ARG A 181 -37.74 3.47 33.15
C ARG A 181 -36.33 4.01 33.35
N SER A 182 -36.01 4.42 34.58
CA SER A 182 -34.68 4.93 34.90
C SER A 182 -33.60 3.90 34.64
N THR A 183 -33.83 2.66 35.09
CA THR A 183 -32.80 1.64 34.96
C THR A 183 -32.55 1.30 33.49
N VAL A 184 -33.60 1.08 32.72
CA VAL A 184 -33.41 0.72 31.31
C VAL A 184 -32.76 1.88 30.56
N LEU A 185 -33.24 3.10 30.79
CA LEU A 185 -32.65 4.26 30.14
C LEU A 185 -31.17 4.37 30.46
N VAL A 186 -30.80 4.24 31.74
CA VAL A 186 -29.41 4.44 32.11
C VAL A 186 -28.53 3.33 31.55
N ILE A 187 -29.01 2.08 31.53
CA ILE A 187 -28.14 1.01 31.03
C ILE A 187 -27.92 1.14 29.53
N PHE A 188 -28.96 1.51 28.76
CA PHE A 188 -28.89 1.56 27.29
C PHE A 188 -28.14 2.82 26.87
N LEU A 189 -28.19 3.83 27.73
CA LEU A 189 -27.43 5.04 27.45
C LEU A 189 -25.97 4.90 27.85
N ALA A 190 -25.67 4.07 28.85
CA ALA A 190 -24.27 3.74 29.14
C ALA A 190 -23.66 2.93 28.00
N ALA A 191 -24.44 2.00 27.43
CA ALA A 191 -23.96 1.29 26.25
C ALA A 191 -23.70 2.27 25.11
N SER A 192 -24.60 3.23 24.92
CA SER A 192 -24.38 4.28 23.92
C SER A 192 -23.09 5.05 24.22
N PHE A 193 -22.85 5.36 25.49
CA PHE A 193 -21.65 6.09 25.87
C PHE A 193 -20.39 5.33 25.49
N VAL A 194 -20.33 4.04 25.82
CA VAL A 194 -19.11 3.29 25.52
C VAL A 194 -18.93 3.12 24.01
N GLY A 195 -20.02 2.87 23.28
CA GLY A 195 -19.92 2.81 21.83
C GLY A 195 -19.43 4.10 21.21
N ASN A 196 -19.97 5.24 21.67
CA ASN A 196 -19.51 6.51 21.16
C ASN A 196 -18.06 6.79 21.56
N ILE A 197 -17.64 6.32 22.73
CA ILE A 197 -16.25 6.54 23.16
C ILE A 197 -15.29 5.80 22.24
N VAL A 198 -15.58 4.52 21.95
CA VAL A 198 -14.67 3.78 21.08
C VAL A 198 -14.71 4.34 19.66
N LEU A 199 -15.89 4.75 19.18
CA LEU A 199 -15.97 5.36 17.87
C LEU A 199 -15.18 6.66 17.80
N ALA A 200 -15.24 7.47 18.88
CA ALA A 200 -14.49 8.72 18.92
C ALA A 200 -13.00 8.46 18.93
N LEU A 201 -12.56 7.44 19.66
CA LEU A 201 -11.15 7.07 19.61
C LEU A 201 -10.72 6.71 18.20
N VAL A 202 -11.52 5.91 17.51
CA VAL A 202 -11.17 5.54 16.13
C VAL A 202 -11.12 6.77 15.23
N LEU A 203 -12.11 7.65 15.33
CA LEU A 203 -12.15 8.82 14.47
C LEU A 203 -10.99 9.77 14.75
N GLN A 204 -10.60 9.88 16.02
CA GLN A 204 -9.49 10.77 16.41
C GLN A 204 -8.14 10.10 16.10
N ARG A 205 -8.14 8.77 15.99
CA ARG A 205 -6.89 8.02 15.67
C ARG A 205 -6.34 8.49 14.34
N LYS A 206 -7.17 8.54 13.30
CA LYS A 206 -6.70 8.96 11.96
C LYS A 206 -7.54 10.14 11.45
N PRO A 207 -6.96 11.34 11.26
CA PRO A 207 -7.69 12.49 10.76
C PRO A 207 -8.16 12.32 9.31
N GLN A 208 -7.31 11.71 8.47
CA GLN A 208 -7.60 11.55 7.02
C GLN A 208 -8.23 10.19 6.70
N LEU A 209 -8.64 9.41 7.71
CA LEU A 209 -9.25 8.12 7.41
C LEU A 209 -10.46 8.28 6.50
N LEU A 210 -11.33 9.24 6.81
CA LEU A 210 -12.58 9.44 6.08
C LEU A 210 -12.63 10.75 5.33
N GLN A 211 -11.52 11.48 5.27
CA GLN A 211 -11.43 12.78 4.60
C GLN A 211 -12.43 13.73 5.27
N VAL A 212 -13.27 14.44 4.53
CA VAL A 212 -14.17 15.42 5.13
C VAL A 212 -15.22 14.74 6.00
N THR A 213 -15.67 13.55 5.56
CA THR A 213 -16.74 12.78 6.24
C THR A 213 -16.39 12.50 7.71
N ASN A 214 -15.09 12.50 8.05
CA ASN A 214 -14.67 12.25 9.42
C ASN A 214 -15.25 13.30 10.37
N ARG A 215 -15.22 14.56 9.96
CA ARG A 215 -15.77 15.63 10.79
C ARG A 215 -17.29 15.47 10.97
N PHE A 216 -17.99 15.04 9.92
CA PHE A 216 -19.43 14.84 10.04
C PHE A 216 -19.75 13.72 11.02
N ILE A 217 -19.06 12.60 10.92
CA ILE A 217 -19.31 11.48 11.83
C ILE A 217 -18.94 11.88 13.25
N PHE A 218 -17.83 12.59 13.43
CA PHE A 218 -17.44 13.04 14.76
C PHE A 218 -18.46 14.03 15.33
N ASN A 219 -19.04 14.89 14.50
CA ASN A 219 -20.07 15.80 14.97
C ASN A 219 -21.30 15.05 15.44
N LEU A 220 -21.75 14.06 14.66
CA LEU A 220 -22.89 13.26 15.09
C LEU A 220 -22.60 12.55 16.40
N LEU A 221 -21.41 11.97 16.52
CA LEU A 221 -21.01 11.29 17.75
C LEU A 221 -20.97 12.24 18.93
N VAL A 222 -20.39 13.43 18.74
CA VAL A 222 -20.29 14.41 19.82
C VAL A 222 -21.67 14.89 20.24
N THR A 223 -22.58 15.09 19.28
CA THR A 223 -23.93 15.51 19.64
C THR A 223 -24.64 14.43 20.45
N ASP A 224 -24.52 13.16 20.04
CA ASP A 224 -25.12 12.08 20.83
C ASP A 224 -24.51 12.01 22.23
N LEU A 225 -23.19 12.18 22.32
CA LEU A 225 -22.51 12.14 23.60
C LEU A 225 -22.97 13.28 24.50
N LEU A 226 -23.10 14.48 23.95
CA LEU A 226 -23.61 15.61 24.74
C LEU A 226 -25.03 15.34 25.21
N GLN A 227 -25.87 14.78 24.33
CA GLN A 227 -27.24 14.47 24.73
C GLN A 227 -27.26 13.50 25.92
N ILE A 228 -26.54 12.38 25.82
CA ILE A 228 -26.60 11.39 26.89
C ILE A 228 -25.97 11.93 28.17
N SER A 229 -24.92 12.76 28.04
CA SER A 229 -24.24 13.25 29.23
C SER A 229 -25.04 14.33 29.95
N LEU A 230 -25.82 15.13 29.21
CA LEU A 230 -26.51 16.26 29.82
C LEU A 230 -27.99 15.99 30.06
N VAL A 231 -28.74 15.66 29.00
CA VAL A 231 -30.19 15.59 29.13
C VAL A 231 -30.61 14.38 29.95
N ALA A 232 -29.95 13.24 29.75
CA ALA A 232 -30.39 12.00 30.39
C ALA A 232 -30.38 12.05 31.92
N PRO A 233 -29.34 12.55 32.60
CA PRO A 233 -29.42 12.64 34.06
C PRO A 233 -30.61 13.45 34.54
N TRP A 234 -30.91 14.55 33.87
CA TRP A 234 -32.09 15.34 34.26
C TRP A 234 -33.38 14.59 33.97
N VAL A 235 -33.41 13.80 32.90
CA VAL A 235 -34.61 13.02 32.61
C VAL A 235 -34.86 11.98 33.69
N VAL A 236 -33.82 11.25 34.10
CA VAL A 236 -34.03 10.24 35.14
C VAL A 236 -34.32 10.91 36.47
N ALA A 237 -33.75 12.10 36.72
CA ALA A 237 -34.09 12.85 37.93
C ALA A 237 -35.56 13.26 37.94
N THR A 238 -36.08 13.67 36.77
CA THR A 238 -37.51 13.97 36.68
C THR A 238 -38.34 12.73 36.94
N SER A 239 -37.92 11.58 36.40
CA SER A 239 -38.63 10.34 36.67
C SER A 239 -38.54 9.96 38.14
N VAL A 240 -37.44 10.28 38.80
CA VAL A 240 -37.28 9.95 40.22
C VAL A 240 -38.20 10.84 41.05
N PRO A 241 -38.89 10.30 42.06
CA PRO A 241 -39.83 11.13 42.84
C PRO A 241 -39.15 12.15 43.74
N LEU A 242 -37.85 12.38 43.61
CA LEU A 242 -37.13 13.29 44.49
C LEU A 242 -37.67 14.71 44.42
N PHE A 243 -37.84 15.20 43.19
CA PHE A 243 -38.40 16.55 42.92
C PHE A 243 -39.65 16.39 42.05
N TRP A 244 -40.82 16.35 42.67
CA TRP A 244 -42.06 16.19 41.91
C TRP A 244 -42.54 17.49 41.28
N PRO A 245 -42.74 18.58 42.05
CA PRO A 245 -43.33 19.79 41.43
C PRO A 245 -42.27 20.72 40.83
N LEU A 246 -41.71 20.30 39.71
CA LEU A 246 -40.66 21.08 39.06
C LEU A 246 -41.22 22.35 38.44
N ASN A 247 -40.46 23.43 38.52
CA ASN A 247 -40.88 24.71 37.99
C ASN A 247 -40.84 24.71 36.47
N SER A 248 -41.48 25.71 35.87
CA SER A 248 -41.58 25.78 34.42
C SER A 248 -40.24 26.14 33.77
N HIS A 249 -39.43 26.98 34.42
CA HIS A 249 -38.18 27.42 33.81
C HIS A 249 -37.21 26.27 33.63
N PHE A 250 -37.07 25.42 34.65
CA PHE A 250 -36.15 24.28 34.53
C PHE A 250 -36.61 23.32 33.44
N CYS A 251 -37.91 23.05 33.38
CA CYS A 251 -38.43 22.16 32.34
C CYS A 251 -38.20 22.75 30.96
N THR A 252 -38.42 24.06 30.81
CA THR A 252 -38.19 24.70 29.52
C THR A 252 -36.72 24.62 29.11
N ALA A 253 -35.81 24.84 30.06
CA ALA A 253 -34.38 24.74 29.75
C ALA A 253 -34.01 23.31 29.35
N LEU A 254 -34.52 22.32 30.08
CA LEU A 254 -34.20 20.93 29.76
C LEU A 254 -34.74 20.55 28.39
N VAL A 255 -35.97 20.97 28.08
CA VAL A 255 -36.54 20.67 26.77
C VAL A 255 -35.76 21.37 25.67
N SER A 256 -35.31 22.60 25.92
CA SER A 256 -34.52 23.30 24.93
C SER A 256 -33.20 22.58 24.66
N LEU A 257 -32.54 22.10 25.72
CA LEU A 257 -31.30 21.35 25.51
C LEU A 257 -31.55 20.07 24.74
N THR A 258 -32.62 19.34 25.10
CA THR A 258 -32.93 18.09 24.41
C THR A 258 -33.21 18.33 22.94
N HIS A 259 -33.99 19.37 22.63
CA HIS A 259 -34.31 19.67 21.25
C HIS A 259 -33.11 20.18 20.48
N LEU A 260 -32.22 20.93 21.14
CA LEU A 260 -30.99 21.36 20.49
C LEU A 260 -30.14 20.17 20.08
N PHE A 261 -29.97 19.21 20.99
CA PHE A 261 -29.17 18.03 20.65
C PHE A 261 -29.84 17.19 19.58
N ALA A 262 -31.17 17.02 19.67
CA ALA A 262 -31.88 16.25 18.65
C ALA A 262 -31.78 16.91 17.27
N PHE A 263 -31.92 18.23 17.22
CA PHE A 263 -31.82 18.93 15.94
C PHE A 263 -30.40 18.90 15.40
N ALA A 264 -29.40 18.95 16.27
CA ALA A 264 -28.03 18.80 15.81
C ALA A 264 -27.82 17.41 15.20
N SER A 265 -28.34 16.37 15.85
CA SER A 265 -28.25 15.03 15.28
C SER A 265 -28.95 14.96 13.93
N VAL A 266 -30.14 15.55 13.83
CA VAL A 266 -30.90 15.47 12.58
C VAL A 266 -30.17 16.20 11.46
N ASN A 267 -29.63 17.39 11.73
CA ASN A 267 -28.92 18.14 10.70
C ASN A 267 -27.64 17.43 10.30
N THR A 268 -26.93 16.84 11.26
CA THR A 268 -25.73 16.07 10.94
C THR A 268 -26.08 14.87 10.07
N ILE A 269 -27.19 14.20 10.36
CA ILE A 269 -27.61 13.05 9.56
C ILE A 269 -27.96 13.49 8.15
N VAL A 270 -28.64 14.63 8.01
CA VAL A 270 -28.99 15.13 6.68
C VAL A 270 -27.72 15.45 5.89
N VAL A 271 -26.76 16.10 6.53
CA VAL A 271 -25.51 16.43 5.84
C VAL A 271 -24.75 15.17 5.46
N VAL A 272 -24.74 14.17 6.35
CA VAL A 272 -24.06 12.91 6.07
C VAL A 272 -24.71 12.20 4.89
N SER A 273 -26.04 12.20 4.82
CA SER A 273 -26.73 11.57 3.70
C SER A 273 -26.43 12.29 2.39
N VAL A 274 -26.46 13.63 2.42
CA VAL A 274 -26.19 14.43 1.20
C VAL A 274 -24.71 14.30 0.83
N ASP A 275 -23.89 13.92 1.80
CA ASP A 275 -22.43 13.71 1.56
C ASP A 275 -22.27 12.36 0.85
N ARG A 276 -22.94 11.33 1.37
CA ARG A 276 -22.88 10.00 0.80
C ARG A 276 -23.41 10.00 -0.63
N TYR A 277 -24.51 10.70 -0.88
CA TYR A 277 -25.03 10.81 -2.24
C TYR A 277 -24.01 11.44 -3.16
N LEU A 278 -23.36 12.52 -2.71
CA LEU A 278 -22.38 13.19 -3.55
C LEU A 278 -21.18 12.30 -3.82
N SER A 279 -20.74 11.54 -2.82
CA SER A 279 -19.56 10.69 -2.99
C SER A 279 -19.85 9.52 -3.91
N ILE A 280 -21.07 8.98 -3.87
CA ILE A 280 -21.39 7.80 -4.66
C ILE A 280 -21.78 8.19 -6.09
N ILE A 281 -22.73 9.11 -6.23
CA ILE A 281 -23.25 9.45 -7.56
C ILE A 281 -22.22 10.21 -8.37
N HIS A 282 -21.51 11.16 -7.74
CA HIS A 282 -20.47 11.95 -8.41
C HIS A 282 -19.13 11.58 -7.79
N PRO A 283 -18.55 10.44 -8.19
CA PRO A 283 -17.31 10.00 -7.53
C PRO A 283 -16.09 10.80 -7.95
N LEU A 284 -16.02 11.21 -9.21
CA LEU A 284 -14.84 11.93 -9.70
C LEU A 284 -14.82 13.38 -9.23
N SER A 285 -15.97 14.03 -9.17
CA SER A 285 -16.05 15.43 -8.81
C SER A 285 -16.33 15.65 -7.32
N TYR A 286 -16.42 14.58 -6.53
CA TYR A 286 -16.73 14.69 -5.11
C TYR A 286 -15.69 15.48 -4.34
N PRO A 287 -14.38 15.19 -4.46
CA PRO A 287 -13.40 16.01 -3.73
C PRO A 287 -13.43 17.48 -4.12
N SER A 288 -13.71 17.78 -5.39
CA SER A 288 -13.84 19.18 -5.80
C SER A 288 -15.12 19.80 -5.24
N LYS A 289 -16.20 19.01 -5.18
CA LYS A 289 -17.46 19.53 -4.67
C LYS A 289 -17.42 19.71 -3.16
N MET A 290 -16.90 18.74 -2.43
CA MET A 290 -16.85 18.76 -0.98
C MET A 290 -15.40 18.92 -0.52
N THR A 291 -15.10 20.04 0.13
CA THR A 291 -13.77 20.35 0.61
C THR A 291 -13.76 20.44 2.13
N GLN A 292 -12.57 20.57 2.70
CA GLN A 292 -12.45 20.71 4.15
C GLN A 292 -13.10 22.00 4.64
N ARG A 293 -12.89 23.10 3.91
CA ARG A 293 -13.50 24.37 4.27
C ARG A 293 -15.02 24.27 4.26
N ARG A 294 -15.54 23.63 3.20
CA ARG A 294 -17.01 23.45 3.06
C ARG A 294 -17.51 22.50 4.16
N GLY A 295 -16.70 21.51 4.56
CA GLY A 295 -17.08 20.64 5.64
C GLY A 295 -17.20 21.38 6.97
N TYR A 296 -16.23 22.24 7.28
CA TYR A 296 -16.32 23.04 8.49
C TYR A 296 -17.50 24.01 8.43
N LEU A 297 -17.75 24.59 7.26
CA LEU A 297 -18.90 25.47 7.09
C LEU A 297 -20.20 24.73 7.33
N LEU A 298 -20.31 23.48 6.87
CA LEU A 298 -21.51 22.69 7.12
C LEU A 298 -21.64 22.33 8.58
N LEU A 299 -20.52 22.04 9.25
CA LEU A 299 -20.53 21.86 10.70
C LEU A 299 -21.16 23.06 11.39
N TYR A 300 -20.65 24.25 11.09
CA TYR A 300 -21.15 25.47 11.72
C TYR A 300 -22.61 25.69 11.36
N GLY A 301 -22.98 25.46 10.09
CA GLY A 301 -24.35 25.64 9.68
C GLY A 301 -25.31 24.73 10.44
N THR A 302 -24.94 23.46 10.60
CA THR A 302 -25.79 22.54 11.35
C THR A 302 -25.96 22.99 12.78
N TRP A 303 -24.86 23.39 13.44
CA TRP A 303 -24.96 23.76 14.84
C TRP A 303 -25.77 25.05 15.03
N ILE A 304 -25.57 26.03 14.15
CA ILE A 304 -26.34 27.27 14.25
C ILE A 304 -27.81 27.04 13.93
N VAL A 305 -28.11 26.15 12.97
CA VAL A 305 -29.50 25.83 12.69
C VAL A 305 -30.16 25.17 13.88
N ALA A 306 -29.45 24.25 14.54
CA ALA A 306 -30.00 23.63 15.75
C ALA A 306 -30.24 24.66 16.85
N ILE A 307 -29.29 25.60 17.03
CA ILE A 307 -29.46 26.64 18.03
C ILE A 307 -30.68 27.49 17.72
N LEU A 308 -30.85 27.87 16.45
CA LEU A 308 -31.98 28.68 16.05
C LEU A 308 -33.30 27.92 16.23
N GLN A 309 -33.28 26.61 16.01
CA GLN A 309 -34.50 25.82 16.19
C GLN A 309 -34.86 25.61 17.65
N SER A 310 -33.87 25.59 18.54
CA SER A 310 -34.17 25.40 19.97
C SER A 310 -34.31 26.70 20.75
N THR A 311 -33.98 27.84 20.15
CA THR A 311 -34.22 29.12 20.82
C THR A 311 -35.69 29.50 21.02
N PRO A 312 -36.65 29.12 20.18
CA PRO A 312 -38.04 29.57 20.36
C PRO A 312 -38.62 29.22 21.73
N PRO A 313 -38.47 27.99 22.24
CA PRO A 313 -38.96 27.75 23.61
C PRO A 313 -38.25 28.62 24.64
N LEU A 314 -36.98 28.96 24.42
CA LEU A 314 -36.28 29.83 25.35
C LEU A 314 -36.88 31.23 25.36
N TYR A 315 -37.21 31.78 24.18
CA TYR A 315 -37.71 33.14 24.13
C TYR A 315 -39.23 33.21 24.05
N GLY A 316 -39.93 32.13 24.39
CA GLY A 316 -41.36 32.17 24.62
C GLY A 316 -42.25 31.65 23.50
N TRP A 317 -41.68 31.33 22.33
CA TRP A 317 -42.52 30.82 21.24
C TRP A 317 -43.11 29.46 21.60
N GLY A 318 -42.32 28.58 22.21
CA GLY A 318 -42.80 27.27 22.65
C GLY A 318 -42.89 27.24 24.16
N GLN A 319 -43.86 26.49 24.67
CA GLN A 319 -44.11 26.38 26.10
C GLN A 319 -43.96 24.93 26.53
N ALA A 320 -43.14 24.69 27.54
CA ALA A 320 -42.93 23.37 28.10
C ALA A 320 -43.19 23.42 29.60
N ALA A 321 -43.88 22.41 30.12
CA ALA A 321 -44.22 22.36 31.53
C ALA A 321 -44.20 20.92 32.02
N PHE A 322 -44.00 20.76 33.33
CA PHE A 322 -43.96 19.44 33.93
C PHE A 322 -45.37 18.89 34.12
N ASP A 323 -45.54 17.61 33.82
CA ASP A 323 -46.79 16.90 34.08
C ASP A 323 -46.52 15.80 35.10
N GLU A 324 -47.33 15.76 36.16
CA GLU A 324 -47.08 14.82 37.25
C GLU A 324 -47.27 13.37 36.82
N ARG A 325 -48.28 13.08 36.00
CA ARG A 325 -48.57 11.70 35.65
C ARG A 325 -47.46 11.08 34.81
N ASN A 326 -46.91 11.83 33.86
CA ASN A 326 -45.83 11.33 33.03
C ASN A 326 -44.46 11.56 33.64
N ALA A 327 -44.33 12.50 34.59
CA ALA A 327 -43.10 12.74 35.32
C ALA A 327 -41.92 13.03 34.40
N LEU A 328 -42.11 13.97 33.47
CA LEU A 328 -41.03 14.39 32.59
C LEU A 328 -41.32 15.78 32.06
N CYS A 329 -40.27 16.55 31.81
CA CYS A 329 -40.42 17.86 31.20
C CYS A 329 -40.79 17.70 29.74
N SER A 330 -42.07 17.87 29.43
CA SER A 330 -42.59 17.65 28.08
C SER A 330 -43.24 18.92 27.57
N MET A 331 -43.09 19.17 26.28
CA MET A 331 -43.70 20.33 25.66
C MET A 331 -45.21 20.24 25.69
N ILE A 332 -45.86 21.39 25.86
CA ILE A 332 -47.28 21.52 25.57
C ILE A 332 -47.35 21.94 24.11
N TRP A 333 -47.62 20.98 23.23
CA TRP A 333 -47.61 21.26 21.81
C TRP A 333 -48.83 22.06 21.38
N GLY A 334 -49.93 21.97 22.13
CA GLY A 334 -51.13 22.72 21.79
C GLY A 334 -51.02 24.20 22.04
N ALA A 335 -50.06 24.64 22.86
CA ALA A 335 -49.91 26.05 23.17
C ALA A 335 -49.57 26.85 21.91
N SER A 336 -48.67 26.35 21.09
CA SER A 336 -48.25 27.03 19.87
C SER A 336 -48.21 26.03 18.72
N PRO A 337 -49.25 25.96 17.89
CA PRO A 337 -49.19 25.05 16.73
C PRO A 337 -48.08 25.39 15.75
N SER A 338 -47.70 26.67 15.64
CA SER A 338 -46.68 27.05 14.68
C SER A 338 -45.33 26.41 15.01
N TYR A 339 -44.91 26.53 16.27
CA TYR A 339 -43.63 25.92 16.65
C TYR A 339 -43.71 24.40 16.59
N THR A 340 -44.88 23.83 16.90
CA THR A 340 -45.03 22.38 16.82
C THR A 340 -44.84 21.89 15.40
N ILE A 341 -45.51 22.54 14.44
CA ILE A 341 -45.37 22.11 13.05
C ILE A 341 -43.96 22.39 12.54
N LEU A 342 -43.33 23.48 12.99
CA LEU A 342 -41.95 23.74 12.60
C LEU A 342 -41.01 22.63 13.10
N SER A 343 -41.15 22.26 14.37
CA SER A 343 -40.30 21.20 14.92
C SER A 343 -40.57 19.87 14.26
N VAL A 344 -41.84 19.55 14.00
CA VAL A 344 -42.17 18.28 13.34
C VAL A 344 -41.60 18.25 11.93
N VAL A 345 -41.71 19.36 11.20
CA VAL A 345 -41.14 19.43 9.87
C VAL A 345 -39.64 19.22 9.92
N SER A 346 -38.95 19.95 10.78
CA SER A 346 -37.49 19.88 10.86
C SER A 346 -37.04 18.51 11.36
N PHE A 347 -37.91 17.79 12.07
CA PHE A 347 -37.52 16.50 12.60
C PHE A 347 -37.73 15.40 11.58
N ILE A 348 -38.83 15.43 10.84
CA ILE A 348 -39.25 14.31 9.99
C ILE A 348 -39.26 14.69 8.51
N VAL A 349 -39.96 15.77 8.17
CA VAL A 349 -40.38 15.98 6.77
C VAL A 349 -39.16 16.19 5.87
N ILE A 350 -38.41 17.25 6.13
CA ILE A 350 -37.22 17.57 5.34
C ILE A 350 -36.20 16.44 5.44
N PRO A 351 -35.86 15.94 6.65
CA PRO A 351 -34.89 14.84 6.72
C PRO A 351 -35.33 13.60 5.97
N LEU A 352 -36.58 13.16 6.14
CA LEU A 352 -37.03 11.97 5.46
C LEU A 352 -37.04 12.16 3.95
N ILE A 353 -37.46 13.32 3.47
CA ILE A 353 -37.45 13.59 2.03
C ILE A 353 -36.03 13.52 1.49
N VAL A 354 -35.09 14.17 2.18
CA VAL A 354 -33.71 14.20 1.71
C VAL A 354 -33.11 12.80 1.68
N MET A 355 -33.27 12.05 2.78
CA MET A 355 -32.72 10.70 2.82
C MET A 355 -33.39 9.80 1.81
N ILE A 356 -34.70 9.94 1.61
CA ILE A 356 -35.40 9.12 0.63
C ILE A 356 -34.85 9.36 -0.76
N ALA A 357 -34.71 10.63 -1.15
CA ALA A 357 -34.20 10.93 -2.49
C ALA A 357 -32.76 10.42 -2.65
N CYS A 358 -31.89 10.75 -1.69
CA CYS A 358 -30.48 10.38 -1.82
C CYS A 358 -30.31 8.87 -1.83
N TYR A 359 -30.98 8.15 -0.92
CA TYR A 359 -30.82 6.71 -0.89
C TYR A 359 -31.57 6.01 -2.00
N SER A 360 -32.58 6.64 -2.61
CA SER A 360 -33.22 6.03 -3.77
C SER A 360 -32.31 6.11 -4.99
N VAL A 361 -31.69 7.28 -5.22
CA VAL A 361 -30.76 7.35 -6.34
C VAL A 361 -29.53 6.50 -6.08
N VAL A 362 -29.09 6.40 -4.81
CA VAL A 362 -27.99 5.51 -4.47
C VAL A 362 -28.38 4.06 -4.71
N PHE A 363 -29.62 3.68 -4.39
CA PHE A 363 -30.09 2.34 -4.65
C PHE A 363 -30.13 2.04 -6.15
N CYS A 364 -30.54 3.02 -6.95
CA CYS A 364 -30.51 2.83 -8.40
C CYS A 364 -29.09 2.61 -8.90
N ALA A 365 -28.14 3.39 -8.38
CA ALA A 365 -26.74 3.21 -8.77
C ALA A 365 -26.22 1.83 -8.35
N ALA A 366 -26.56 1.40 -7.14
CA ALA A 366 -26.14 0.08 -6.68
C ALA A 366 -26.77 -1.03 -7.50
N ARG A 367 -28.02 -0.83 -7.92
CA ARG A 367 -28.69 -1.85 -8.77
C ARG A 367 -27.94 -1.92 -10.11
N ARG A 368 -27.60 -0.76 -10.68
CA ARG A 368 -26.86 -0.75 -11.95
C ARG A 368 -25.53 -1.45 -11.80
N GLN A 369 -24.80 -1.18 -10.71
CA GLN A 369 -23.52 -1.83 -10.49
C GLN A 369 -23.68 -3.34 -10.30
N HIS A 370 -24.70 -3.77 -9.57
CA HIS A 370 -24.94 -5.19 -9.40
C HIS A 370 -25.27 -5.86 -10.73
N ALA A 371 -26.09 -5.20 -11.56
CA ALA A 371 -26.41 -5.75 -12.86
C ALA A 371 -25.17 -5.88 -13.73
N LEU A 372 -24.28 -4.87 -13.69
CA LEU A 372 -23.02 -4.96 -14.42
C LEU A 372 -22.15 -6.09 -13.89
N LEU A 373 -22.11 -6.27 -12.57
CA LEU A 373 -21.23 -7.26 -11.97
C LEU A 373 -21.69 -8.69 -12.26
N TYR A 374 -22.97 -8.97 -12.06
CA TYR A 374 -23.46 -10.33 -12.20
C TYR A 374 -23.49 -10.80 -13.64
N ASN A 375 -23.44 -9.88 -14.61
CA ASN A 375 -23.41 -10.21 -16.03
C ASN A 375 -24.59 -11.08 -16.44
N ARG A 538 -33.41 -7.43 -6.85
CA ARG A 538 -33.22 -8.84 -7.18
C ARG A 538 -32.88 -9.65 -5.95
N CYS A 539 -32.32 -10.85 -6.17
CA CYS A 539 -32.00 -11.75 -5.06
C CYS A 539 -30.92 -11.19 -4.14
N TYR A 540 -29.80 -10.74 -4.73
CA TYR A 540 -28.69 -10.22 -3.96
C TYR A 540 -28.65 -8.70 -3.90
N GLN A 541 -29.58 -8.02 -4.57
CA GLN A 541 -29.79 -6.60 -4.31
C GLN A 541 -30.44 -6.39 -2.95
N CYS A 542 -30.88 -7.47 -2.32
CA CYS A 542 -31.42 -7.39 -0.96
C CYS A 542 -30.40 -6.86 0.02
N LYS A 543 -29.10 -6.97 -0.29
CA LYS A 543 -28.09 -6.39 0.58
C LYS A 543 -28.22 -4.87 0.65
N ALA A 544 -28.24 -4.21 -0.52
CA ALA A 544 -28.40 -2.76 -0.55
C ALA A 544 -29.77 -2.35 -0.02
N ALA A 545 -30.81 -3.13 -0.39
CA ALA A 545 -32.14 -2.83 0.13
C ALA A 545 -32.17 -2.91 1.65
N LYS A 546 -31.52 -3.91 2.23
CA LYS A 546 -31.51 -4.08 3.67
C LYS A 546 -30.74 -2.96 4.35
N VAL A 547 -29.60 -2.54 3.77
CA VAL A 547 -28.84 -1.46 4.38
C VAL A 547 -29.64 -0.16 4.37
N ILE A 548 -30.25 0.17 3.23
CA ILE A 548 -31.02 1.40 3.14
C ILE A 548 -32.24 1.34 4.06
N PHE A 549 -32.90 0.19 4.10
CA PHE A 549 -34.05 0.03 5.00
C PHE A 549 -33.63 0.17 6.45
N ILE A 550 -32.47 -0.39 6.82
CA ILE A 550 -32.00 -0.27 8.19
C ILE A 550 -31.78 1.20 8.55
N ILE A 551 -31.12 1.94 7.66
CA ILE A 551 -30.85 3.35 7.95
C ILE A 551 -32.16 4.12 8.12
N ILE A 552 -33.05 4.01 7.14
CA ILE A 552 -34.26 4.83 7.14
C ILE A 552 -35.20 4.42 8.27
N PHE A 553 -35.36 3.11 8.48
CA PHE A 553 -36.24 2.62 9.53
C PHE A 553 -35.69 2.93 10.92
N SER A 554 -34.36 2.90 11.09
CA SER A 554 -33.80 3.30 12.39
C SER A 554 -34.08 4.77 12.65
N TYR A 555 -33.90 5.63 11.63
CA TYR A 555 -34.21 7.04 11.82
C TYR A 555 -35.69 7.24 12.16
N VAL A 556 -36.58 6.52 11.45
CA VAL A 556 -38.01 6.66 11.70
C VAL A 556 -38.36 6.16 13.09
N LEU A 557 -37.92 4.96 13.46
CA LEU A 557 -38.18 4.45 14.80
C LEU A 557 -37.63 5.36 15.89
N SER A 558 -36.57 6.11 15.59
CA SER A 558 -36.03 7.03 16.57
C SER A 558 -36.88 8.29 16.71
N LEU A 559 -37.27 8.90 15.59
CA LEU A 559 -37.86 10.24 15.65
C LEU A 559 -39.36 10.31 15.42
N GLY A 560 -39.93 9.42 14.61
CA GLY A 560 -41.32 9.46 14.24
C GLY A 560 -42.32 9.36 15.39
N PRO A 561 -42.07 8.47 16.37
CA PRO A 561 -42.98 8.45 17.53
C PRO A 561 -43.08 9.79 18.25
N TYR A 562 -41.97 10.50 18.38
CA TYR A 562 -41.99 11.80 19.05
C TYR A 562 -42.86 12.80 18.29
N CYS A 563 -42.70 12.86 16.97
CA CYS A 563 -43.48 13.81 16.18
C CYS A 563 -44.94 13.40 16.09
N PHE A 564 -45.22 12.09 16.05
CA PHE A 564 -46.60 11.64 16.10
C PHE A 564 -47.25 12.02 17.42
N LEU A 565 -46.52 11.88 18.52
CA LEU A 565 -47.03 12.31 19.81
C LEU A 565 -47.27 13.82 19.82
N ALA A 566 -46.38 14.60 19.21
CA ALA A 566 -46.59 16.04 19.14
C ALA A 566 -47.84 16.39 18.35
N VAL A 567 -48.04 15.73 17.20
CA VAL A 567 -49.21 16.00 16.38
C VAL A 567 -50.49 15.63 17.12
N LEU A 568 -50.49 14.47 17.79
CA LEU A 568 -51.66 14.09 18.58
C LEU A 568 -51.90 15.06 19.73
N ALA A 569 -50.82 15.56 20.35
CA ALA A 569 -50.96 16.54 21.41
C ALA A 569 -51.61 17.82 20.91
N VAL A 570 -51.25 18.26 19.70
CA VAL A 570 -51.91 19.42 19.14
C VAL A 570 -53.37 19.11 18.83
N TRP A 571 -53.65 17.93 18.27
CA TRP A 571 -55.06 17.62 17.91
C TRP A 571 -55.93 17.32 19.13
N VAL A 572 -55.43 16.53 20.08
CA VAL A 572 -56.21 16.13 21.24
C VAL A 572 -55.33 16.17 22.49
N ASP A 573 -55.95 15.93 23.64
CA ASP A 573 -55.23 15.99 24.90
C ASP A 573 -54.22 14.86 25.02
N VAL A 574 -53.06 15.16 25.60
CA VAL A 574 -52.02 14.15 25.78
C VAL A 574 -52.43 13.14 26.83
N GLU A 575 -53.05 13.60 27.91
CA GLU A 575 -53.21 12.81 29.11
C GLU A 575 -54.23 11.68 28.96
N THR A 576 -55.48 12.05 28.68
CA THR A 576 -56.55 11.05 28.62
C THR A 576 -56.34 10.06 27.48
N GLN A 577 -55.93 10.56 26.32
CA GLN A 577 -55.90 9.72 25.13
C GLN A 577 -54.74 8.71 25.17
N VAL A 578 -53.61 9.10 25.73
CA VAL A 578 -52.37 8.34 25.65
C VAL A 578 -52.05 7.78 27.03
N PRO A 579 -51.76 6.48 27.15
CA PRO A 579 -51.39 5.91 28.46
C PRO A 579 -50.00 6.31 28.91
N GLN A 580 -49.54 5.72 30.02
CA GLN A 580 -48.21 6.05 30.55
C GLN A 580 -47.12 5.20 29.90
N TRP A 581 -47.37 3.89 29.76
CA TRP A 581 -46.38 3.02 29.16
C TRP A 581 -46.08 3.41 27.72
N VAL A 582 -47.09 3.90 26.99
CA VAL A 582 -46.86 4.41 25.64
C VAL A 582 -45.94 5.61 25.68
N ILE A 583 -46.14 6.50 26.65
CA ILE A 583 -45.28 7.67 26.79
C ILE A 583 -43.83 7.25 27.05
N THR A 584 -43.64 6.28 27.96
CA THR A 584 -42.29 5.81 28.25
C THR A 584 -41.67 5.15 27.02
N ILE A 585 -42.47 4.40 26.26
CA ILE A 585 -41.99 3.77 25.04
C ILE A 585 -41.48 4.83 24.07
N ILE A 586 -42.28 5.88 23.85
CA ILE A 586 -41.87 6.95 22.95
C ILE A 586 -40.61 7.63 23.48
N ILE A 587 -40.52 7.83 24.80
CA ILE A 587 -39.39 8.55 25.36
C ILE A 587 -38.09 7.79 25.12
N TRP A 588 -38.04 6.49 25.45
CA TRP A 588 -36.75 5.85 25.29
C TRP A 588 -36.51 5.39 23.86
N LEU A 589 -37.55 5.27 23.03
CA LEU A 589 -37.32 5.15 21.59
C LEU A 589 -36.68 6.42 21.03
N PHE A 590 -37.11 7.58 21.53
CA PHE A 590 -36.48 8.84 21.16
C PHE A 590 -35.04 8.89 21.61
N PHE A 591 -34.76 8.37 22.81
CA PHE A 591 -33.38 8.37 23.31
C PHE A 591 -32.53 7.27 22.68
N LEU A 592 -33.13 6.33 21.96
CA LEU A 592 -32.38 5.26 21.32
C LEU A 592 -31.51 5.73 20.15
N GLN A 593 -31.64 6.98 19.71
CA GLN A 593 -30.79 7.45 18.62
C GLN A 593 -29.33 7.47 19.03
N CYS A 594 -29.06 7.77 20.31
CA CYS A 594 -27.68 7.76 20.78
C CYS A 594 -27.07 6.37 20.72
N CYS A 595 -27.91 5.33 20.70
CA CYS A 595 -27.45 3.97 20.52
C CYS A 595 -27.36 3.56 19.05
N ILE A 596 -28.28 4.02 18.22
CA ILE A 596 -28.33 3.54 16.84
C ILE A 596 -27.41 4.33 15.91
N HIS A 597 -27.17 5.62 16.19
CA HIS A 597 -26.31 6.41 15.32
C HIS A 597 -24.89 5.86 15.21
N PRO A 598 -24.20 5.50 16.30
CA PRO A 598 -22.88 4.88 16.13
C PRO A 598 -22.93 3.63 15.29
N TYR A 599 -23.83 2.69 15.59
CA TYR A 599 -23.89 1.45 14.84
C TYR A 599 -24.22 1.71 13.38
N VAL A 600 -25.15 2.62 13.10
CA VAL A 600 -25.59 2.86 11.73
C VAL A 600 -24.50 3.54 10.91
N TYR A 601 -23.76 4.48 11.52
CA TYR A 601 -22.87 5.32 10.73
C TYR A 601 -21.40 4.92 10.80
N GLY A 602 -20.90 4.52 11.96
CA GLY A 602 -19.52 4.06 12.03
C GLY A 602 -19.38 2.58 11.74
N TYR A 603 -20.23 1.75 12.36
CA TYR A 603 -20.06 0.31 12.24
C TYR A 603 -20.32 -0.18 10.83
N MET A 604 -21.38 0.31 10.18
CA MET A 604 -21.68 -0.14 8.83
C MET A 604 -20.68 0.37 7.80
N HIS A 605 -19.85 1.36 8.16
CA HIS A 605 -18.73 1.71 7.32
C HIS A 605 -17.65 0.63 7.42
N LYS A 606 -17.16 0.18 6.27
CA LYS A 606 -16.24 -0.95 6.25
C LYS A 606 -14.92 -0.63 6.94
N THR A 607 -14.33 0.52 6.62
CA THR A 607 -13.05 0.90 7.21
C THR A 607 -13.17 1.07 8.72
N ILE A 608 -14.20 1.80 9.16
CA ILE A 608 -14.38 2.05 10.58
C ILE A 608 -14.64 0.75 11.31
N LYS A 609 -15.44 -0.15 10.71
CA LYS A 609 -15.66 -1.45 11.31
C LYS A 609 -14.36 -2.22 11.46
N LYS A 610 -13.51 -2.17 10.43
CA LYS A 610 -12.24 -2.87 10.50
C LYS A 610 -11.37 -2.32 11.63
N GLU A 611 -11.31 -0.99 11.75
CA GLU A 611 -10.46 -0.39 12.79
C GLU A 611 -10.99 -0.66 14.19
N ILE A 612 -12.31 -0.58 14.38
CA ILE A 612 -12.84 -0.86 15.71
C ILE A 612 -12.63 -2.33 16.07
N GLN A 613 -12.78 -3.24 15.10
CA GLN A 613 -12.49 -4.64 15.35
C GLN A 613 -11.02 -4.83 15.71
N ASP A 614 -10.12 -4.17 14.98
CA ASP A 614 -8.69 -4.33 15.24
C ASP A 614 -8.33 -3.84 16.64
N MET A 615 -8.84 -2.67 17.03
CA MET A 615 -8.51 -2.16 18.36
C MET A 615 -9.16 -2.99 19.45
N LEU A 616 -10.33 -3.58 19.17
CA LEU A 616 -10.94 -4.46 20.16
C LEU A 616 -10.15 -5.75 20.35
N LYS A 617 -9.63 -6.33 19.26
CA LYS A 617 -8.73 -7.47 19.41
C LYS A 617 -7.45 -7.08 20.13
N LYS A 618 -6.92 -5.90 19.83
CA LYS A 618 -5.71 -5.44 20.52
C LYS A 618 -5.95 -5.26 22.02
N PHE A 619 -7.09 -4.68 22.40
CA PHE A 619 -7.41 -4.49 23.80
C PHE A 619 -7.61 -5.82 24.52
N PHE A 620 -8.28 -6.77 23.86
CA PHE A 620 -8.46 -8.10 24.42
C PHE A 620 -7.31 -9.02 24.02
N THR B 9 15.98 30.04 28.26
CA THR B 9 16.18 31.48 28.12
C THR B 9 15.14 32.09 27.19
N GLU B 10 15.14 33.41 27.09
CA GLU B 10 14.23 34.08 26.16
C GLU B 10 14.60 33.79 24.71
N ASP B 11 15.88 33.57 24.43
CA ASP B 11 16.29 33.23 23.07
C ASP B 11 15.75 31.87 22.66
N GLN B 12 15.75 30.90 23.59
CA GLN B 12 15.17 29.60 23.29
C GLN B 12 13.69 29.73 22.96
N ARG B 13 12.96 30.54 23.75
CA ARG B 13 11.55 30.75 23.47
C ARG B 13 11.34 31.45 22.13
N ASN B 14 12.21 32.40 21.79
CA ASN B 14 12.11 33.07 20.51
C ASN B 14 12.31 32.10 19.35
N GLU B 15 13.30 31.22 19.51
CA GLU B 15 13.64 30.18 18.52
C GLU B 15 12.44 29.24 18.35
N GLU B 16 11.81 28.87 19.46
CA GLU B 16 10.65 27.97 19.45
C GLU B 16 9.46 28.63 18.78
N LYS B 17 9.22 29.91 19.07
CA LYS B 17 8.12 30.61 18.43
C LYS B 17 8.34 30.76 16.93
N ALA B 18 9.58 31.05 16.51
CA ALA B 18 9.86 31.15 15.09
C ALA B 18 9.64 29.83 14.37
N GLN B 19 10.09 28.73 14.97
CA GLN B 19 9.89 27.43 14.32
C GLN B 19 8.42 27.02 14.35
N ARG B 20 7.66 27.42 15.37
CA ARG B 20 6.22 27.17 15.37
C ARG B 20 5.52 27.94 14.25
N GLU B 21 5.94 29.20 14.03
CA GLU B 21 5.37 29.97 12.92
C GLU B 21 5.70 29.33 11.58
N ALA B 22 6.95 28.87 11.42
CA ALA B 22 7.33 28.18 10.19
C ALA B 22 6.51 26.91 10.00
N ASN B 23 6.29 26.16 11.09
CA ASN B 23 5.47 24.96 11.01
C ASN B 23 4.04 25.28 10.60
N LYS B 24 3.48 26.38 11.14
CA LYS B 24 2.13 26.77 10.76
C LYS B 24 2.04 27.12 9.28
N LYS B 25 3.03 27.87 8.77
CA LYS B 25 3.04 28.21 7.35
C LYS B 25 3.15 26.95 6.49
N ILE B 26 4.03 26.02 6.88
CA ILE B 26 4.20 24.78 6.14
C ILE B 26 2.91 23.96 6.17
N GLU B 27 2.20 23.97 7.30
CA GLU B 27 0.95 23.22 7.40
C GLU B 27 -0.14 23.82 6.53
N LYS B 28 -0.20 25.16 6.44
CA LYS B 28 -1.15 25.78 5.52
C LYS B 28 -0.85 25.39 4.07
N GLN B 29 0.42 25.45 3.69
CA GLN B 29 0.80 25.03 2.34
C GLN B 29 0.48 23.56 2.11
N LEU B 30 0.67 22.73 3.12
CA LEU B 30 0.35 21.31 3.01
C LEU B 30 -1.15 21.08 2.87
N GLN B 31 -1.97 21.89 3.54
CA GLN B 31 -3.41 21.79 3.35
C GLN B 31 -3.81 22.12 1.91
N LYS B 32 -3.23 23.18 1.35
CA LYS B 32 -3.49 23.50 -0.04
C LYS B 32 -3.04 22.37 -0.96
N ASP B 33 -1.86 21.81 -0.69
CA ASP B 33 -1.35 20.71 -1.50
C ASP B 33 -2.21 19.46 -1.38
N LYS B 34 -2.75 19.23 -0.17
CA LYS B 34 -3.65 18.06 0.06
C LYS B 34 -4.90 18.24 -0.79
N GLN B 35 -5.49 19.44 -0.78
CA GLN B 35 -6.68 19.71 -1.58
C GLN B 35 -6.39 19.50 -3.05
N VAL B 36 -5.23 19.96 -3.53
CA VAL B 36 -4.88 19.75 -4.93
C VAL B 36 -4.68 18.26 -5.22
N TYR B 37 -4.04 17.54 -4.30
CA TYR B 37 -3.66 16.15 -4.56
C TYR B 37 -4.86 15.22 -4.59
N ARG B 38 -5.77 15.34 -3.62
CA ARG B 38 -6.89 14.40 -3.57
C ARG B 38 -7.89 14.63 -4.70
N ALA B 39 -7.85 15.79 -5.34
CA ALA B 39 -8.78 16.05 -6.44
C ALA B 39 -8.38 15.30 -7.70
N THR B 40 -7.08 15.26 -8.01
CA THR B 40 -6.63 14.67 -9.26
C THR B 40 -6.53 13.15 -9.14
N HIS B 41 -6.69 12.48 -10.28
CA HIS B 41 -6.67 11.03 -10.36
C HIS B 41 -5.44 10.59 -11.15
N ARG B 42 -4.67 9.66 -10.59
CA ARG B 42 -3.45 9.18 -11.21
C ARG B 42 -3.72 7.88 -11.94
N LEU B 43 -3.11 7.72 -13.10
CA LEU B 43 -3.26 6.53 -13.93
C LEU B 43 -1.89 6.04 -14.37
N LEU B 44 -1.72 4.72 -14.41
CA LEU B 44 -0.50 4.09 -14.89
C LEU B 44 -0.78 3.50 -16.27
N LEU B 45 0.02 3.88 -17.24
CA LEU B 45 -0.12 3.40 -18.62
C LEU B 45 0.94 2.35 -18.89
N LEU B 46 0.52 1.10 -18.99
CA LEU B 46 1.43 -0.03 -19.17
C LEU B 46 1.12 -0.69 -20.51
N GLY B 47 2.15 -0.91 -21.32
CA GLY B 47 1.97 -1.56 -22.60
C GLY B 47 3.30 -1.68 -23.32
N ALA B 48 3.28 -2.44 -24.42
CA ALA B 48 4.51 -2.69 -25.22
C ALA B 48 4.78 -1.50 -26.15
N GLY B 49 5.98 -1.46 -26.74
CA GLY B 49 6.36 -0.37 -27.67
C GLY B 49 5.69 -0.55 -29.02
N GLU B 50 5.30 -1.78 -29.35
CA GLU B 50 4.64 -2.09 -30.64
C GLU B 50 3.18 -2.49 -30.38
N SER B 51 2.69 -2.24 -29.16
CA SER B 51 1.29 -2.58 -28.79
C SER B 51 0.34 -1.45 -29.22
N GLY B 52 0.86 -0.23 -29.34
CA GLY B 52 0.05 0.93 -29.76
C GLY B 52 -0.22 1.88 -28.60
N LYS B 53 0.68 1.89 -27.60
CA LYS B 53 0.53 2.77 -26.42
C LYS B 53 0.65 4.24 -26.84
N ASN B 54 1.59 4.54 -27.75
CA ASN B 54 1.78 5.90 -28.23
C ASN B 54 0.50 6.46 -28.88
N THR B 55 -0.28 5.60 -29.53
CA THR B 55 -1.54 6.06 -30.10
C THR B 55 -2.51 6.51 -29.00
N ILE B 56 -2.56 5.79 -27.89
CA ILE B 56 -3.39 6.20 -26.76
C ILE B 56 -2.86 7.51 -26.18
N VAL B 57 -1.52 7.65 -26.10
CA VAL B 57 -0.92 8.87 -25.59
C VAL B 57 -1.30 10.06 -26.48
N LYS B 58 -1.40 9.82 -27.80
CA LYS B 58 -1.66 10.90 -28.76
C LYS B 58 -2.97 11.62 -28.45
N GLN B 59 -4.01 10.86 -28.11
CA GLN B 59 -5.31 11.43 -27.77
C GLN B 59 -5.42 11.57 -26.26
N PHE B 60 -5.66 12.79 -25.80
CA PHE B 60 -5.73 13.07 -24.37
C PHE B 60 -6.36 14.44 -24.11
N SER B 205 13.25 11.50 -18.28
CA SER B 205 13.09 10.46 -19.29
C SER B 205 12.72 9.12 -18.66
N GLY B 206 12.90 9.02 -17.34
CA GLY B 206 12.55 7.79 -16.66
C GLY B 206 11.05 7.52 -16.66
N ILE B 207 10.25 8.57 -16.50
CA ILE B 207 8.80 8.46 -16.54
C ILE B 207 8.25 9.72 -17.21
N PHE B 208 7.18 9.55 -17.98
CA PHE B 208 6.58 10.65 -18.72
C PHE B 208 5.21 10.97 -18.15
N GLU B 209 4.95 12.26 -17.94
CA GLU B 209 3.67 12.71 -17.33
C GLU B 209 2.84 13.51 -18.34
N THR B 210 1.66 12.99 -18.69
CA THR B 210 0.70 13.63 -19.62
C THR B 210 -0.53 14.04 -18.81
N LYS B 211 -0.94 15.30 -18.92
CA LYS B 211 -2.08 15.81 -18.15
C LYS B 211 -3.22 16.09 -19.10
N PHE B 212 -4.38 15.48 -18.85
CA PHE B 212 -5.58 15.72 -19.63
C PHE B 212 -6.76 15.89 -18.69
N GLN B 213 -7.59 16.90 -18.98
CA GLN B 213 -8.75 17.22 -18.13
C GLN B 213 -10.04 16.85 -18.87
N VAL B 214 -10.79 15.90 -18.33
CA VAL B 214 -12.09 15.49 -18.94
C VAL B 214 -13.19 15.83 -17.94
N ASP B 215 -14.20 16.60 -18.38
CA ASP B 215 -15.33 17.01 -17.52
C ASP B 215 -14.82 17.72 -16.26
N LYS B 216 -13.82 18.61 -16.42
CA LYS B 216 -13.30 19.41 -15.32
C LYS B 216 -12.83 18.57 -14.13
N VAL B 217 -12.29 17.39 -14.39
CA VAL B 217 -11.60 16.60 -13.38
C VAL B 217 -10.23 16.24 -13.92
N ASN B 218 -9.19 16.47 -13.11
CA ASN B 218 -7.81 16.34 -13.56
C ASN B 218 -7.35 14.90 -13.47
N PHE B 219 -6.73 14.43 -14.56
CA PHE B 219 -6.20 13.04 -14.64
C PHE B 219 -4.72 13.09 -14.99
N HIS B 220 -3.88 12.48 -14.14
CA HIS B 220 -2.42 12.45 -14.38
C HIS B 220 -2.02 11.03 -14.81
N MET B 221 -1.70 10.87 -16.09
CA MET B 221 -1.33 9.53 -16.63
C MET B 221 0.19 9.47 -16.80
N PHE B 222 0.83 8.45 -16.21
CA PHE B 222 2.30 8.31 -16.28
C PHE B 222 2.65 7.06 -17.08
N ASP B 223 3.52 7.21 -18.08
CA ASP B 223 3.98 6.08 -18.93
C ASP B 223 5.48 5.88 -18.70
N VAL B 224 5.89 4.66 -18.27
CA VAL B 224 7.33 4.39 -17.99
C VAL B 224 8.06 4.12 -19.30
N GLY B 225 9.07 4.95 -19.62
CA GLY B 225 9.84 4.77 -20.83
C GLY B 225 11.21 4.16 -20.65
N ALA B 226 11.96 4.62 -19.65
CA ALA B 226 13.37 4.27 -19.53
C ALA B 226 13.63 3.13 -18.55
N GLN B 227 12.60 2.53 -17.98
CA GLN B 227 12.81 1.42 -17.07
C GLN B 227 13.13 0.14 -17.84
N ARG B 228 13.87 -0.75 -17.19
CA ARG B 228 14.25 -2.02 -17.80
C ARG B 228 13.04 -2.96 -17.86
N ASP B 229 13.22 -4.08 -18.57
CA ASP B 229 12.16 -5.07 -18.67
C ASP B 229 11.83 -5.69 -17.33
N GLU B 230 12.79 -5.72 -16.41
CA GLU B 230 12.51 -6.17 -15.04
C GLU B 230 11.63 -5.13 -14.35
N ARG B 231 10.43 -5.53 -13.94
CA ARG B 231 9.47 -4.59 -13.39
C ARG B 231 8.86 -5.04 -12.07
N ARG B 232 9.47 -6.00 -11.37
CA ARG B 232 8.88 -6.46 -10.11
C ARG B 232 9.14 -5.50 -8.97
N LYS B 233 10.04 -4.53 -9.17
CA LYS B 233 10.38 -3.62 -8.08
C LYS B 233 9.65 -2.28 -8.23
N TRP B 234 9.70 -1.69 -9.41
CA TRP B 234 9.09 -0.37 -9.59
C TRP B 234 7.60 -0.42 -9.90
N ILE B 235 7.03 -1.62 -10.08
CA ILE B 235 5.59 -1.71 -10.21
C ILE B 235 4.90 -1.55 -8.87
N GLN B 236 5.63 -1.74 -7.76
CA GLN B 236 5.06 -1.57 -6.44
C GLN B 236 4.72 -0.12 -6.14
N CYS B 237 5.36 0.83 -6.83
CA CYS B 237 5.06 2.24 -6.60
C CYS B 237 3.62 2.58 -7.00
N PHE B 238 3.10 1.93 -8.04
CA PHE B 238 1.76 2.22 -8.54
C PHE B 238 0.70 1.31 -7.92
N ASN B 239 0.67 1.24 -6.59
CA ASN B 239 -0.37 0.46 -5.92
C ASN B 239 -1.48 1.32 -5.33
N ASP B 240 -1.24 2.61 -5.14
CA ASP B 240 -2.27 3.56 -4.75
C ASP B 240 -2.89 4.26 -5.95
N VAL B 241 -2.51 3.82 -7.15
CA VAL B 241 -3.01 4.46 -8.41
C VAL B 241 -4.50 4.15 -8.60
N THR B 242 -5.21 5.04 -9.28
CA THR B 242 -6.64 4.84 -9.50
C THR B 242 -6.90 3.62 -10.38
N ALA B 243 -6.19 3.53 -11.51
CA ALA B 243 -6.36 2.41 -12.42
C ALA B 243 -5.11 2.25 -13.27
N ILE B 244 -4.86 1.02 -13.69
CA ILE B 244 -3.76 0.70 -14.59
C ILE B 244 -4.34 0.47 -15.97
N ILE B 245 -3.95 1.30 -16.93
CA ILE B 245 -4.38 1.14 -18.32
C ILE B 245 -3.39 0.19 -18.99
N PHE B 246 -3.84 -1.04 -19.23
CA PHE B 246 -3.02 -2.07 -19.85
C PHE B 246 -3.38 -2.15 -21.33
N VAL B 247 -2.43 -1.79 -22.19
CA VAL B 247 -2.64 -1.75 -23.63
C VAL B 247 -2.05 -3.01 -24.23
N VAL B 248 -2.86 -3.74 -25.00
CA VAL B 248 -2.42 -5.01 -25.62
C VAL B 248 -2.77 -5.01 -27.11
N ALA B 249 -1.86 -5.50 -27.96
CA ALA B 249 -2.12 -5.60 -29.41
C ALA B 249 -2.89 -6.90 -29.68
N SER B 250 -4.20 -6.80 -29.86
CA SER B 250 -5.06 -7.99 -30.08
C SER B 250 -4.73 -8.65 -31.43
N SER B 251 -4.00 -7.96 -32.31
CA SER B 251 -3.65 -8.52 -33.61
C SER B 251 -2.48 -9.49 -33.50
N SER B 252 -1.49 -9.15 -32.68
CA SER B 252 -0.26 -9.95 -32.60
C SER B 252 -0.50 -11.17 -31.71
N TYR B 253 -0.74 -12.32 -32.35
CA TYR B 253 -0.86 -13.58 -31.63
C TYR B 253 0.13 -14.61 -32.15
N ASN B 264 4.55 -14.90 -30.20
CA ASN B 264 3.38 -14.99 -29.34
C ASN B 264 3.34 -13.83 -28.35
N ARG B 265 2.89 -12.67 -28.83
CA ARG B 265 2.82 -11.49 -27.96
C ARG B 265 1.63 -11.56 -27.00
N LEU B 266 0.52 -12.17 -27.43
CA LEU B 266 -0.64 -12.23 -26.55
C LEU B 266 -0.40 -13.12 -25.34
N GLN B 267 0.37 -14.20 -25.50
CA GLN B 267 0.68 -15.03 -24.34
C GLN B 267 1.53 -14.27 -23.33
N ALA B 268 2.51 -13.50 -23.81
CA ALA B 268 3.30 -12.66 -22.91
C ALA B 268 2.43 -11.62 -22.23
N ALA B 269 1.51 -11.01 -22.98
CA ALA B 269 0.60 -10.04 -22.39
C ALA B 269 -0.28 -10.68 -21.32
N LEU B 270 -0.77 -11.90 -21.58
CA LEU B 270 -1.59 -12.60 -20.59
C LEU B 270 -0.79 -12.92 -19.34
N LYS B 271 0.47 -13.35 -19.50
CA LYS B 271 1.30 -13.63 -18.33
C LYS B 271 1.59 -12.36 -17.54
N LEU B 272 1.83 -11.24 -18.24
CA LEU B 272 2.04 -9.97 -17.55
C LEU B 272 0.78 -9.52 -16.81
N PHE B 273 -0.38 -9.69 -17.44
CA PHE B 273 -1.64 -9.34 -16.78
C PHE B 273 -1.87 -10.22 -15.56
N ASP B 274 -1.54 -11.50 -15.65
CA ASP B 274 -1.67 -12.39 -14.50
C ASP B 274 -0.74 -11.98 -13.37
N SER B 275 0.50 -11.61 -13.71
CA SER B 275 1.45 -11.16 -12.69
C SER B 275 0.96 -9.89 -12.01
N ILE B 276 0.43 -8.95 -12.79
CA ILE B 276 -0.09 -7.71 -12.22
C ILE B 276 -1.30 -8.00 -11.33
N TRP B 277 -2.20 -8.86 -11.80
CA TRP B 277 -3.44 -9.12 -11.07
C TRP B 277 -3.17 -9.78 -9.72
N ASN B 278 -2.25 -10.74 -9.67
CA ASN B 278 -2.03 -11.53 -8.48
C ASN B 278 -0.97 -10.94 -7.55
N ASN B 279 -0.42 -9.78 -7.89
CA ASN B 279 0.54 -9.13 -7.00
C ASN B 279 -0.15 -8.63 -5.74
N LYS B 280 0.46 -8.91 -4.59
CA LYS B 280 -0.21 -8.61 -3.33
C LYS B 280 -0.34 -7.11 -3.10
N TRP B 281 0.61 -6.32 -3.58
CA TRP B 281 0.49 -4.87 -3.44
C TRP B 281 -0.51 -4.29 -4.44
N LEU B 282 -0.74 -5.01 -5.54
CA LEU B 282 -1.65 -4.50 -6.61
C LEU B 282 -3.02 -5.18 -6.52
N ARG B 283 -3.33 -5.83 -5.39
CA ARG B 283 -4.62 -6.54 -5.21
C ARG B 283 -5.85 -5.63 -5.09
N ASP B 284 -5.66 -4.34 -4.84
CA ASP B 284 -6.80 -3.40 -4.64
C ASP B 284 -6.85 -2.50 -5.89
N THR B 285 -5.93 -2.67 -6.83
CA THR B 285 -5.88 -1.79 -8.03
C THR B 285 -6.66 -2.39 -9.21
N SER B 286 -7.61 -1.64 -9.77
CA SER B 286 -8.35 -2.07 -10.95
C SER B 286 -7.54 -1.83 -12.21
N VAL B 287 -7.81 -2.63 -13.23
CA VAL B 287 -7.08 -2.58 -14.49
C VAL B 287 -8.07 -2.28 -15.61
N ILE B 288 -7.76 -1.27 -16.43
CA ILE B 288 -8.51 -0.98 -17.63
C ILE B 288 -7.75 -1.60 -18.80
N LEU B 289 -8.36 -2.58 -19.44
CA LEU B 289 -7.70 -3.37 -20.47
C LEU B 289 -8.10 -2.84 -21.85
N PHE B 290 -7.12 -2.41 -22.63
CA PHE B 290 -7.33 -1.96 -24.00
C PHE B 290 -6.74 -2.99 -24.95
N LEU B 291 -7.56 -3.48 -25.87
CA LEU B 291 -7.13 -4.42 -26.90
C LEU B 291 -7.00 -3.64 -28.20
N ASN B 292 -5.78 -3.23 -28.52
CA ASN B 292 -5.53 -2.34 -29.64
C ASN B 292 -5.42 -3.12 -30.94
N LYS B 293 -5.29 -2.38 -32.04
CA LYS B 293 -5.13 -2.95 -33.39
C LYS B 293 -6.27 -3.92 -33.71
N GLN B 294 -7.50 -3.48 -33.48
CA GLN B 294 -8.66 -4.30 -33.82
C GLN B 294 -8.79 -4.48 -35.33
N ASP B 295 -8.48 -3.42 -36.09
CA ASP B 295 -8.55 -3.53 -37.54
C ASP B 295 -7.52 -4.51 -38.09
N LEU B 296 -6.30 -4.50 -37.52
CA LEU B 296 -5.28 -5.44 -37.95
C LEU B 296 -5.69 -6.87 -37.65
N LEU B 297 -6.23 -7.12 -36.46
CA LEU B 297 -6.73 -8.46 -36.15
C LEU B 297 -7.86 -8.86 -37.07
N ALA B 298 -8.76 -7.93 -37.37
CA ALA B 298 -9.89 -8.23 -38.24
C ALA B 298 -9.42 -8.63 -39.63
N GLU B 299 -8.49 -7.85 -40.20
CA GLU B 299 -8.00 -8.18 -41.54
C GLU B 299 -7.15 -9.44 -41.54
N LYS B 300 -6.41 -9.69 -40.45
CA LYS B 300 -5.64 -10.93 -40.36
C LYS B 300 -6.55 -12.15 -40.31
N VAL B 301 -7.66 -12.06 -39.57
CA VAL B 301 -8.59 -13.18 -39.50
C VAL B 301 -9.32 -13.35 -40.82
N LEU B 302 -9.71 -12.24 -41.46
CA LEU B 302 -10.40 -12.32 -42.74
C LEU B 302 -9.50 -12.94 -43.81
N ALA B 303 -8.22 -12.56 -43.83
CA ALA B 303 -7.29 -13.19 -44.76
C ALA B 303 -7.07 -14.66 -44.41
N GLY B 304 -6.99 -14.96 -43.12
CA GLY B 304 -6.82 -16.34 -42.64
C GLY B 304 -5.40 -16.85 -42.79
N LYS B 305 -4.43 -15.95 -43.04
CA LYS B 305 -3.01 -16.37 -43.19
C LYS B 305 -2.54 -17.02 -41.89
N SER B 306 -2.47 -16.25 -40.80
CA SER B 306 -2.07 -16.81 -39.47
C SER B 306 -3.31 -17.43 -38.82
N LYS B 307 -3.15 -18.51 -38.05
CA LYS B 307 -4.32 -19.15 -37.39
C LYS B 307 -4.26 -18.97 -35.87
N ILE B 308 -5.32 -18.44 -35.28
CA ILE B 308 -5.38 -18.25 -33.79
C ILE B 308 -5.39 -19.63 -33.12
N GLU B 309 -6.10 -20.59 -33.73
CA GLU B 309 -6.20 -21.95 -33.15
C GLU B 309 -4.80 -22.54 -32.96
N ASP B 310 -3.92 -22.34 -33.94
CA ASP B 310 -2.52 -22.84 -33.84
C ASP B 310 -1.92 -22.32 -32.53
N TYR B 311 -2.07 -21.02 -32.28
CA TYR B 311 -1.55 -20.36 -31.05
C TYR B 311 -2.33 -20.81 -29.80
N PHE B 312 -3.67 -20.86 -29.89
CA PHE B 312 -4.50 -21.28 -28.72
C PHE B 312 -5.44 -22.43 -29.12
N PRO B 313 -5.32 -23.62 -28.48
CA PRO B 313 -6.17 -24.78 -28.79
C PRO B 313 -7.67 -24.56 -28.52
N GLU B 314 -7.99 -23.86 -27.43
CA GLU B 314 -9.38 -23.60 -26.97
C GLU B 314 -10.18 -22.75 -27.97
N PHE B 315 -9.50 -21.90 -28.76
CA PHE B 315 -10.19 -21.00 -29.71
C PHE B 315 -10.99 -21.78 -30.76
N ALA B 316 -10.51 -22.97 -31.13
CA ALA B 316 -11.18 -23.82 -32.15
C ALA B 316 -12.65 -24.06 -31.80
N ARG B 317 -12.89 -24.55 -30.58
CA ARG B 317 -14.26 -24.90 -30.09
C ARG B 317 -14.95 -23.67 -29.48
N TYR B 318 -14.27 -22.52 -29.42
CA TYR B 318 -14.86 -21.29 -28.83
C TYR B 318 -16.05 -20.80 -29.68
N THR B 319 -17.13 -20.40 -29.00
CA THR B 319 -18.37 -19.88 -29.64
C THR B 319 -18.64 -18.47 -29.12
N THR B 320 -18.95 -17.52 -30.02
CA THR B 320 -19.19 -16.14 -29.65
C THR B 320 -20.33 -16.06 -28.63
N PRO B 321 -20.14 -15.34 -27.52
CA PRO B 321 -21.21 -15.23 -26.53
C PRO B 321 -22.44 -14.53 -27.11
N GLU B 322 -23.62 -15.01 -26.70
CA GLU B 322 -24.85 -14.35 -27.12
C GLU B 322 -25.02 -13.00 -26.45
N ASP B 323 -24.55 -12.88 -25.21
CA ASP B 323 -24.61 -11.59 -24.51
C ASP B 323 -23.74 -10.56 -25.22
N ALA B 324 -22.62 -10.99 -25.80
CA ALA B 324 -21.73 -10.09 -26.50
C ALA B 324 -22.44 -9.39 -27.65
N THR B 325 -22.17 -8.10 -27.81
CA THR B 325 -22.79 -7.31 -28.85
C THR B 325 -21.84 -7.20 -30.03
N PRO B 326 -22.12 -7.85 -31.16
CA PRO B 326 -21.19 -7.80 -32.29
C PRO B 326 -21.34 -6.52 -33.10
N GLU B 327 -20.22 -6.07 -33.64
CA GLU B 327 -20.26 -4.95 -34.58
C GLU B 327 -20.89 -5.43 -35.88
N PRO B 328 -21.90 -4.71 -36.40
CA PRO B 328 -22.58 -5.19 -37.61
C PRO B 328 -21.67 -5.34 -38.82
N GLY B 329 -20.65 -4.49 -38.95
CA GLY B 329 -19.79 -4.55 -40.12
C GLY B 329 -18.94 -5.81 -40.17
N GLU B 330 -18.41 -6.24 -39.03
CA GLU B 330 -17.48 -7.35 -39.00
C GLU B 330 -18.20 -8.69 -39.09
N ASP B 331 -17.52 -9.67 -39.69
CA ASP B 331 -18.04 -11.01 -39.82
C ASP B 331 -17.97 -11.72 -38.46
N PRO B 332 -18.76 -12.80 -38.28
CA PRO B 332 -18.77 -13.47 -36.98
C PRO B 332 -17.42 -14.01 -36.52
N ARG B 333 -16.52 -14.36 -37.44
CA ARG B 333 -15.24 -14.95 -37.02
C ARG B 333 -14.33 -13.94 -36.34
N VAL B 334 -14.28 -12.71 -36.86
CA VAL B 334 -13.48 -11.67 -36.21
C VAL B 334 -14.03 -11.36 -34.83
N THR B 335 -15.35 -11.26 -34.70
CA THR B 335 -15.96 -11.06 -33.40
C THR B 335 -15.63 -12.20 -32.46
N ARG B 336 -15.64 -13.43 -32.98
CA ARG B 336 -15.31 -14.59 -32.15
C ARG B 336 -13.88 -14.52 -31.65
N ALA B 337 -12.95 -14.12 -32.51
CA ALA B 337 -11.56 -13.99 -32.07
C ALA B 337 -11.41 -12.89 -31.03
N LYS B 338 -12.04 -11.73 -31.27
CA LYS B 338 -11.99 -10.63 -30.33
C LYS B 338 -12.49 -11.06 -28.95
N TYR B 339 -13.65 -11.70 -28.92
CA TYR B 339 -14.22 -12.10 -27.64
C TYR B 339 -13.50 -13.30 -27.04
N PHE B 340 -12.80 -14.10 -27.84
CA PHE B 340 -11.95 -15.13 -27.26
C PHE B 340 -10.78 -14.52 -26.51
N ILE B 341 -10.13 -13.51 -27.10
CA ILE B 341 -9.05 -12.82 -26.39
C ILE B 341 -9.59 -12.14 -25.13
N ARG B 342 -10.74 -11.46 -25.27
CA ARG B 342 -11.35 -10.80 -24.12
C ARG B 342 -11.69 -11.79 -23.03
N ASP B 343 -12.17 -12.98 -23.40
CA ASP B 343 -12.54 -13.97 -22.40
C ASP B 343 -11.32 -14.62 -21.76
N GLU B 344 -10.20 -14.71 -22.48
CA GLU B 344 -8.97 -15.15 -21.83
C GLU B 344 -8.55 -14.17 -20.75
N PHE B 345 -8.55 -12.87 -21.09
CA PHE B 345 -8.20 -11.87 -20.09
C PHE B 345 -9.20 -11.87 -18.94
N LEU B 346 -10.49 -12.04 -19.24
CA LEU B 346 -11.51 -12.06 -18.20
C LEU B 346 -11.42 -13.30 -17.34
N ARG B 347 -11.00 -14.43 -17.90
CA ARG B 347 -10.74 -15.63 -17.09
C ARG B 347 -9.63 -15.36 -16.10
N ILE B 348 -8.54 -14.72 -16.56
CA ILE B 348 -7.48 -14.35 -15.63
C ILE B 348 -8.02 -13.41 -14.55
N SER B 349 -8.81 -12.42 -14.96
CA SER B 349 -9.31 -11.42 -14.01
C SER B 349 -10.24 -12.03 -12.97
N THR B 350 -11.13 -12.93 -13.39
CA THR B 350 -12.13 -13.48 -12.49
C THR B 350 -11.66 -14.74 -11.77
N ALA B 351 -10.50 -15.28 -12.11
CA ALA B 351 -9.97 -16.41 -11.37
C ALA B 351 -9.69 -16.05 -9.92
N SER B 352 -9.30 -14.80 -9.67
CA SER B 352 -8.99 -14.34 -8.33
C SER B 352 -9.48 -12.91 -8.15
N GLY B 353 -9.65 -12.51 -6.89
CA GLY B 353 -10.10 -11.17 -6.57
C GLY B 353 -11.54 -11.14 -6.09
N ASP B 354 -11.72 -11.01 -4.78
CA ASP B 354 -13.06 -11.04 -4.17
C ASP B 354 -13.60 -9.62 -4.03
N GLY B 355 -13.78 -8.97 -5.17
CA GLY B 355 -14.37 -7.65 -5.21
C GLY B 355 -13.42 -6.51 -4.92
N ARG B 356 -12.15 -6.80 -4.62
CA ARG B 356 -11.19 -5.73 -4.33
C ARG B 356 -10.92 -4.89 -5.57
N HIS B 357 -10.79 -5.57 -6.71
CA HIS B 357 -10.49 -4.89 -7.99
C HIS B 357 -11.23 -5.59 -9.13
N TYR B 358 -11.41 -4.88 -10.25
CA TYR B 358 -12.11 -5.42 -11.41
C TYR B 358 -11.39 -4.99 -12.68
N CYS B 359 -11.61 -5.76 -13.74
CA CYS B 359 -11.05 -5.47 -15.05
C CYS B 359 -12.14 -4.86 -15.93
N TYR B 360 -11.75 -3.92 -16.80
CA TYR B 360 -12.67 -3.20 -17.67
C TYR B 360 -12.16 -3.31 -19.11
N PRO B 361 -12.40 -4.46 -19.77
CA PRO B 361 -11.91 -4.62 -21.14
C PRO B 361 -12.60 -3.68 -22.10
N HIS B 362 -11.87 -3.29 -23.14
CA HIS B 362 -12.39 -2.42 -24.18
C HIS B 362 -11.74 -2.78 -25.50
N PHE B 363 -12.51 -2.67 -26.58
CA PHE B 363 -12.01 -2.84 -27.94
C PHE B 363 -11.74 -1.45 -28.52
N THR B 364 -10.51 -1.20 -28.92
CA THR B 364 -10.11 0.12 -29.39
C THR B 364 -9.33 0.00 -30.68
N CYS B 365 -9.32 1.09 -31.44
CA CYS B 365 -8.56 1.22 -32.68
C CYS B 365 -7.74 2.49 -32.62
N ALA B 366 -6.81 2.61 -33.57
CA ALA B 366 -5.96 3.80 -33.61
C ALA B 366 -6.77 5.06 -33.92
N VAL B 367 -7.80 4.94 -34.75
CA VAL B 367 -8.60 6.11 -35.12
C VAL B 367 -9.67 6.42 -34.09
N ASP B 368 -9.92 5.52 -33.14
CA ASP B 368 -10.97 5.75 -32.15
C ASP B 368 -10.58 6.92 -31.24
N THR B 369 -11.48 7.90 -31.13
CA THR B 369 -11.30 9.05 -30.26
C THR B 369 -12.10 8.94 -28.97
N GLU B 370 -12.72 7.79 -28.71
CA GLU B 370 -13.57 7.58 -27.56
C GLU B 370 -12.80 7.09 -26.33
N ASN B 371 -11.55 6.68 -26.54
CA ASN B 371 -10.66 6.13 -25.48
C ASN B 371 -10.71 6.99 -24.21
N ILE B 372 -10.60 8.31 -24.34
CA ILE B 372 -10.59 9.20 -23.17
C ILE B 372 -11.91 9.12 -22.43
N ARG B 373 -13.03 9.14 -23.16
CA ARG B 373 -14.34 8.99 -22.53
C ARG B 373 -14.47 7.62 -21.87
N ARG B 374 -13.92 6.58 -22.50
CA ARG B 374 -13.94 5.27 -21.88
C ARG B 374 -13.19 5.26 -20.57
N VAL B 375 -11.98 5.85 -20.55
CA VAL B 375 -11.19 5.89 -19.32
C VAL B 375 -11.93 6.66 -18.24
N PHE B 376 -12.54 7.79 -18.62
CA PHE B 376 -13.37 8.55 -17.70
C PHE B 376 -14.46 7.67 -17.09
N ASN B 377 -15.14 6.89 -17.94
CA ASN B 377 -16.26 6.07 -17.48
C ASN B 377 -15.80 4.95 -16.56
N ASP B 378 -14.70 4.26 -16.89
CA ASP B 378 -14.25 3.19 -16.01
C ASP B 378 -13.68 3.75 -14.71
N CYS B 379 -13.09 4.95 -14.74
CA CYS B 379 -12.66 5.56 -13.50
C CYS B 379 -13.85 5.88 -12.61
N ARG B 380 -14.92 6.43 -13.20
CA ARG B 380 -16.16 6.64 -12.45
C ARG B 380 -16.65 5.33 -11.86
N ASP B 381 -16.65 4.27 -12.67
CA ASP B 381 -17.14 2.94 -12.21
C ASP B 381 -16.27 2.42 -11.05
N ILE B 382 -14.95 2.58 -11.15
CA ILE B 382 -14.06 2.07 -10.11
C ILE B 382 -14.30 2.81 -8.80
N ILE B 383 -14.35 4.14 -8.84
CA ILE B 383 -14.50 4.89 -7.60
C ILE B 383 -15.90 4.69 -7.02
N GLN B 384 -16.92 4.63 -7.88
CA GLN B 384 -18.27 4.37 -7.39
C GLN B 384 -18.39 2.98 -6.76
N ARG B 385 -17.77 1.98 -7.37
CA ARG B 385 -17.79 0.63 -6.82
C ARG B 385 -17.08 0.59 -5.48
N MET B 386 -15.95 1.27 -5.36
CA MET B 386 -15.24 1.30 -4.09
C MET B 386 -16.06 1.99 -3.01
N HIS B 387 -16.71 3.10 -3.35
CA HIS B 387 -17.55 3.79 -2.38
C HIS B 387 -18.74 2.93 -1.96
N LEU B 388 -19.36 2.24 -2.91
CA LEU B 388 -20.47 1.35 -2.59
C LEU B 388 -20.03 0.21 -1.69
N ARG B 389 -18.84 -0.36 -1.96
CA ARG B 389 -18.31 -1.39 -1.08
C ARG B 389 -18.01 -0.84 0.31
N GLN B 390 -17.60 0.43 0.40
CA GLN B 390 -17.31 1.02 1.70
C GLN B 390 -18.55 1.07 2.58
N TYR B 391 -19.71 1.31 1.96
CA TYR B 391 -20.98 1.40 2.67
C TYR B 391 -21.72 0.07 2.68
N GLU B 392 -21.10 -1.01 2.22
CA GLU B 392 -21.69 -2.35 2.20
C GLU B 392 -22.96 -2.38 1.34
N LEU B 393 -22.97 -1.58 0.29
CA LEU B 393 -24.05 -1.59 -0.70
C LEU B 393 -23.72 -2.41 -1.93
N LEU B 394 -22.56 -3.06 -1.96
CA LEU B 394 -22.15 -3.84 -3.12
C LEU B 394 -21.24 -4.99 -2.67
N SER C 1 34.22 -22.83 -29.02
CA SER C 1 34.40 -23.65 -27.84
C SER C 1 35.06 -22.86 -26.71
N GLU C 2 35.52 -21.66 -27.05
CA GLU C 2 36.21 -20.75 -26.09
C GLU C 2 35.24 -20.37 -24.96
N LEU C 3 33.98 -20.09 -25.30
CA LEU C 3 33.00 -19.67 -24.30
C LEU C 3 32.73 -20.78 -23.29
N ASP C 4 32.60 -22.03 -23.76
CA ASP C 4 32.34 -23.13 -22.85
C ASP C 4 33.50 -23.38 -21.91
N GLN C 5 34.74 -23.36 -22.42
CA GLN C 5 35.88 -23.59 -21.56
C GLN C 5 36.09 -22.43 -20.58
N LEU C 6 35.72 -21.20 -20.98
CA LEU C 6 35.86 -20.08 -20.08
C LEU C 6 34.78 -20.10 -19.00
N ARG C 7 33.58 -20.57 -19.34
CA ARG C 7 32.56 -20.83 -18.34
C ARG C 7 33.02 -21.92 -17.37
N GLN C 8 33.68 -22.95 -17.88
CA GLN C 8 34.24 -23.99 -17.01
C GLN C 8 35.31 -23.40 -16.08
N GLU C 9 36.08 -22.45 -16.63
CA GLU C 9 37.14 -21.75 -15.86
C GLU C 9 36.46 -21.01 -14.71
N ALA C 10 35.37 -20.29 -15.01
CA ALA C 10 34.63 -19.55 -13.99
C ALA C 10 34.05 -20.50 -12.95
N GLU C 11 33.55 -21.66 -13.38
CA GLU C 11 33.05 -22.66 -12.44
C GLU C 11 34.15 -23.13 -11.50
N GLN C 12 35.35 -23.37 -12.04
CA GLN C 12 36.46 -23.80 -11.22
C GLN C 12 36.87 -22.72 -10.22
N LEU C 13 36.88 -21.45 -10.66
CA LEU C 13 37.19 -20.36 -9.74
C LEU C 13 36.15 -20.27 -8.62
N LYS C 14 34.88 -20.42 -8.96
CA LYS C 14 33.84 -20.37 -7.93
C LYS C 14 33.98 -21.53 -6.95
N ASN C 15 34.32 -22.73 -7.46
CA ASN C 15 34.56 -23.87 -6.58
C ASN C 15 35.75 -23.62 -5.68
N GLN C 16 36.81 -23.02 -6.21
CA GLN C 16 37.98 -22.70 -5.40
C GLN C 16 37.64 -21.71 -4.30
N ILE C 17 36.85 -20.68 -4.63
CA ILE C 17 36.45 -19.71 -3.62
C ILE C 17 35.58 -20.37 -2.55
N ARG C 18 34.66 -21.23 -2.97
CA ARG C 18 33.81 -21.94 -2.00
C ARG C 18 34.64 -22.82 -1.08
N ASP C 19 35.63 -23.52 -1.63
CA ASP C 19 36.48 -24.39 -0.82
C ASP C 19 37.34 -23.57 0.15
N ALA C 20 37.85 -22.42 -0.31
CA ALA C 20 38.62 -21.55 0.59
C ALA C 20 37.76 -21.04 1.73
N ARG C 21 36.52 -20.64 1.42
CA ARG C 21 35.61 -20.19 2.47
C ARG C 21 35.29 -21.33 3.44
N LYS C 22 35.05 -22.53 2.88
CA LYS C 22 34.73 -23.73 3.69
C LYS C 22 35.89 -23.98 4.67
N ALA C 23 37.12 -23.99 4.17
CA ALA C 23 38.29 -24.20 5.01
C ALA C 23 38.46 -23.07 6.02
N CYS C 24 38.00 -21.86 5.68
CA CYS C 24 38.08 -20.74 6.60
C CYS C 24 37.13 -20.91 7.77
N ALA C 25 35.97 -21.51 7.53
CA ALA C 25 34.92 -21.63 8.55
C ALA C 25 35.06 -22.96 9.28
N ASP C 26 35.31 -22.89 10.59
CA ASP C 26 35.32 -24.06 11.43
C ASP C 26 34.39 -23.95 12.63
N ALA C 27 34.17 -22.75 13.17
CA ALA C 27 33.25 -22.54 14.26
C ALA C 27 32.32 -21.38 13.91
N THR C 28 31.01 -21.61 14.04
CA THR C 28 30.04 -20.56 13.77
C THR C 28 29.95 -19.60 14.95
N LEU C 29 29.40 -18.41 14.69
CA LEU C 29 29.26 -17.42 15.75
C LEU C 29 28.24 -17.86 16.79
N SER C 30 27.31 -18.73 16.41
CA SER C 30 26.34 -19.24 17.37
C SER C 30 27.02 -20.01 18.49
N GLN C 31 27.97 -20.88 18.15
CA GLN C 31 28.69 -21.63 19.16
C GLN C 31 29.48 -20.71 20.10
N ILE C 32 30.12 -19.69 19.54
CA ILE C 32 30.93 -18.79 20.35
C ILE C 32 30.05 -17.94 21.25
N THR C 33 28.88 -17.54 20.75
CA THR C 33 27.98 -16.67 21.50
C THR C 33 27.06 -17.43 22.44
N ASN C 34 27.03 -18.76 22.36
CA ASN C 34 26.18 -19.55 23.25
C ASN C 34 26.48 -19.27 24.72
N ASN C 35 27.76 -19.09 25.06
CA ASN C 35 28.12 -18.94 26.47
C ASN C 35 27.67 -17.61 27.05
N ILE C 36 27.53 -16.59 26.19
CA ILE C 36 27.15 -15.19 26.58
C ILE C 36 25.68 -15.15 27.04
N ASP C 37 25.36 -14.27 28.00
CA ASP C 37 23.99 -14.15 28.49
C ASP C 37 23.10 -13.51 27.43
N PRO C 38 21.88 -14.01 27.25
CA PRO C 38 20.96 -13.39 26.29
C PRO C 38 20.47 -12.05 26.80
N VAL C 39 20.15 -11.17 25.85
CA VAL C 39 19.57 -9.88 26.21
C VAL C 39 18.12 -10.09 26.63
N GLY C 40 17.69 -9.32 27.62
CA GLY C 40 16.31 -9.39 28.06
C GLY C 40 15.36 -8.86 27.00
N ARG C 41 14.07 -9.16 27.19
CA ARG C 41 13.07 -8.70 26.26
C ARG C 41 13.05 -7.18 26.24
N ILE C 42 13.07 -6.60 25.04
CA ILE C 42 13.20 -5.16 24.85
C ILE C 42 11.89 -4.64 24.30
N GLN C 43 11.30 -3.67 25.00
CA GLN C 43 10.04 -3.06 24.60
C GLN C 43 10.28 -1.60 24.24
N MET C 44 9.92 -1.23 23.03
CA MET C 44 9.98 0.15 22.57
C MET C 44 8.58 0.69 22.43
N ARG C 45 8.36 1.92 22.88
CA ARG C 45 7.08 2.59 22.78
C ARG C 45 7.19 3.77 21.83
N THR C 46 6.12 4.02 21.09
CA THR C 46 6.10 5.14 20.17
C THR C 46 6.13 6.45 20.95
N ARG C 47 7.11 7.30 20.65
CA ARG C 47 7.25 8.58 21.31
C ARG C 47 6.65 9.73 20.51
N ARG C 48 6.90 9.76 19.21
CA ARG C 48 6.34 10.76 18.32
C ARG C 48 5.70 10.07 17.13
N THR C 49 4.63 10.66 16.62
CA THR C 49 4.01 10.25 15.37
C THR C 49 3.99 11.46 14.45
N LEU C 50 4.71 11.38 13.34
CA LEU C 50 4.85 12.49 12.42
C LEU C 50 3.80 12.37 11.33
N ARG C 51 2.96 13.40 11.20
CA ARG C 51 1.85 13.40 10.26
C ARG C 51 1.99 14.59 9.32
N GLY C 52 1.54 14.40 8.08
CA GLY C 52 1.62 15.46 7.09
C GLY C 52 1.88 14.95 5.69
N HIS C 53 2.19 13.66 5.57
CA HIS C 53 2.41 13.03 4.27
C HIS C 53 1.09 12.51 3.74
N LEU C 54 0.84 12.77 2.45
CA LEU C 54 -0.42 12.40 1.82
C LEU C 54 -0.38 11.03 1.14
N ALA C 55 0.79 10.43 1.01
CA ALA C 55 0.93 9.15 0.34
C ALA C 55 1.94 8.30 1.10
N LYS C 56 2.29 7.15 0.52
CA LYS C 56 3.21 6.24 1.19
C LYS C 56 4.59 6.87 1.35
N ILE C 57 5.20 6.61 2.51
CA ILE C 57 6.57 7.11 2.82
C ILE C 57 7.54 6.08 2.26
N TYR C 58 8.21 6.39 1.15
CA TYR C 58 9.12 5.41 0.54
C TYR C 58 10.44 5.36 1.32
N ALA C 59 10.97 6.51 1.75
CA ALA C 59 12.25 6.44 2.49
C ALA C 59 12.40 7.57 3.50
N MET C 60 13.37 7.44 4.40
CA MET C 60 13.66 8.47 5.39
C MET C 60 15.12 8.37 5.78
N HIS C 61 15.72 9.49 6.15
CA HIS C 61 17.12 9.51 6.58
C HIS C 61 17.26 10.46 7.76
N TRP C 62 17.99 10.02 8.78
CA TRP C 62 18.29 10.86 9.92
C TRP C 62 19.42 11.84 9.59
N GLY C 63 19.45 12.95 10.32
CA GLY C 63 20.58 13.83 10.25
C GLY C 63 21.68 13.45 11.22
N THR C 64 22.88 13.96 10.97
CA THR C 64 24.01 13.65 11.85
C THR C 64 23.84 14.28 13.22
N ASP C 65 23.12 15.39 13.31
CA ASP C 65 22.83 16.00 14.61
C ASP C 65 21.83 15.18 15.41
N SER C 66 21.22 14.16 14.82
CA SER C 66 20.30 13.21 15.45
C SER C 66 19.01 13.88 15.90
N ARG C 67 18.74 15.10 15.47
CA ARG C 67 17.50 15.79 15.78
C ARG C 67 16.59 15.93 14.58
N LEU C 68 17.13 16.23 13.41
CA LEU C 68 16.37 16.41 12.19
C LEU C 68 16.34 15.12 11.39
N LEU C 69 15.28 14.94 10.62
CA LEU C 69 15.16 13.80 9.72
C LEU C 69 14.36 14.22 8.50
N VAL C 70 14.74 13.72 7.34
CA VAL C 70 14.04 14.01 6.10
C VAL C 70 13.32 12.75 5.65
N SER C 71 12.09 12.91 5.18
CA SER C 71 11.29 11.79 4.70
C SER C 71 10.75 12.12 3.32
N ALA C 72 10.70 11.11 2.46
CA ALA C 72 10.22 11.25 1.09
C ALA C 72 8.94 10.44 0.93
N SER C 73 7.95 11.04 0.28
CA SER C 73 6.67 10.37 0.07
C SER C 73 6.25 10.57 -1.38
N GLN C 74 5.41 9.63 -1.85
CA GLN C 74 4.91 9.56 -3.24
C GLN C 74 4.01 10.76 -3.61
N ASP C 75 3.55 11.52 -2.63
CA ASP C 75 2.72 12.68 -2.95
C ASP C 75 3.51 13.79 -3.63
N GLY C 76 4.83 13.67 -3.68
CA GLY C 76 5.68 14.68 -4.29
C GLY C 76 6.32 15.63 -3.32
N LYS C 77 6.33 15.33 -2.03
CA LYS C 77 6.84 16.23 -1.01
C LYS C 77 8.07 15.62 -0.34
N LEU C 78 9.05 16.46 -0.05
CA LEU C 78 10.22 16.09 0.74
C LEU C 78 10.17 16.95 2.01
N ILE C 79 9.90 16.31 3.15
CA ILE C 79 9.63 17.02 4.38
C ILE C 79 10.76 16.76 5.36
N ILE C 80 11.30 17.84 5.93
CA ILE C 80 12.34 17.76 6.96
C ILE C 80 11.67 18.01 8.31
N TRP C 81 11.76 17.03 9.19
CA TRP C 81 11.07 17.07 10.47
C TRP C 81 12.04 17.42 11.59
N ASP C 82 11.51 18.11 12.61
CA ASP C 82 12.20 18.24 13.89
C ASP C 82 11.63 17.18 14.81
N SER C 83 12.42 16.14 15.10
CA SER C 83 11.91 15.01 15.85
C SER C 83 11.57 15.38 17.29
N TYR C 84 12.27 16.35 17.86
CA TYR C 84 12.04 16.71 19.26
C TYR C 84 10.69 17.40 19.43
N THR C 85 10.39 18.39 18.61
CA THR C 85 9.19 19.18 18.74
C THR C 85 8.09 18.79 17.76
N THR C 86 8.31 17.75 16.95
CA THR C 86 7.37 17.30 15.92
C THR C 86 6.96 18.46 15.01
N ASN C 87 7.91 19.31 14.68
CA ASN C 87 7.68 20.46 13.81
C ASN C 87 8.34 20.23 12.46
N LYS C 88 7.69 20.71 11.41
CA LYS C 88 8.21 20.60 10.05
C LYS C 88 9.12 21.78 9.77
N VAL C 89 10.42 21.50 9.57
CA VAL C 89 11.35 22.57 9.25
C VAL C 89 11.19 23.01 7.79
N HIS C 90 11.06 22.05 6.88
CA HIS C 90 10.94 22.35 5.46
C HIS C 90 9.96 21.37 4.81
N ALA C 91 9.32 21.83 3.73
CA ALA C 91 8.48 20.98 2.90
C ALA C 91 8.80 21.30 1.45
N ILE C 92 9.53 20.40 0.79
CA ILE C 92 10.10 20.66 -0.52
C ILE C 92 9.22 19.96 -1.56
N PRO C 93 8.53 20.69 -2.42
CA PRO C 93 7.84 20.04 -3.55
C PRO C 93 8.84 19.55 -4.57
N LEU C 94 8.55 18.40 -5.16
CA LEU C 94 9.44 17.74 -6.10
C LEU C 94 8.85 17.77 -7.50
N ARG C 95 9.74 17.90 -8.49
CA ARG C 95 9.30 17.91 -9.88
C ARG C 95 8.64 16.59 -10.27
N SER C 96 9.21 15.48 -9.84
CA SER C 96 8.65 14.15 -10.08
C SER C 96 8.16 13.58 -8.76
N SER C 97 6.89 13.17 -8.73
CA SER C 97 6.30 12.69 -7.48
C SER C 97 6.79 11.29 -7.12
N TRP C 98 7.24 10.51 -8.09
CA TRP C 98 7.66 9.13 -7.85
C TRP C 98 9.12 9.14 -7.42
N VAL C 99 9.34 9.25 -6.11
CA VAL C 99 10.67 9.22 -5.52
C VAL C 99 10.74 8.04 -4.57
N MET C 100 11.85 7.32 -4.59
CA MET C 100 12.01 6.13 -3.77
C MET C 100 13.17 6.21 -2.80
N THR C 101 13.92 7.31 -2.80
CA THR C 101 15.04 7.45 -1.89
C THR C 101 15.23 8.90 -1.51
N CYS C 102 15.79 9.13 -0.33
CA CYS C 102 16.14 10.46 0.13
C CYS C 102 17.35 10.35 1.04
N ALA C 103 18.25 11.33 0.95
CA ALA C 103 19.47 11.32 1.72
C ALA C 103 19.69 12.68 2.37
N TYR C 104 20.18 12.67 3.60
CA TYR C 104 20.49 13.91 4.36
C TYR C 104 22.00 14.03 4.49
N ALA C 105 22.58 15.10 3.94
CA ALA C 105 24.03 15.30 3.98
C ALA C 105 24.50 15.38 5.42
N PRO C 106 25.65 14.77 5.75
CA PRO C 106 26.15 14.84 7.12
C PRO C 106 26.39 16.26 7.61
N SER C 107 26.76 17.18 6.71
CA SER C 107 26.88 18.58 7.09
C SER C 107 25.51 19.19 7.39
N GLY C 108 24.46 18.68 6.77
CA GLY C 108 23.12 19.22 6.94
C GLY C 108 22.76 20.34 6.00
N ASN C 109 23.68 20.75 5.13
CA ASN C 109 23.40 21.86 4.23
C ASN C 109 22.62 21.42 3.00
N TYR C 110 22.67 20.12 2.68
CA TYR C 110 21.97 19.61 1.48
C TYR C 110 21.09 18.41 1.81
N VAL C 111 20.12 18.15 0.93
CA VAL C 111 19.15 17.01 1.04
C VAL C 111 18.90 16.52 -0.39
N ALA C 112 19.07 15.21 -0.65
CA ALA C 112 18.90 14.68 -2.01
C ALA C 112 17.74 13.69 -2.09
N CYS C 113 17.09 13.62 -3.26
CA CYS C 113 15.99 12.71 -3.49
C CYS C 113 16.05 12.23 -4.93
N GLY C 114 15.53 11.03 -5.16
CA GLY C 114 15.49 10.47 -6.51
C GLY C 114 14.48 9.34 -6.58
N GLY C 115 14.08 9.03 -7.81
CA GLY C 115 13.09 7.99 -8.02
C GLY C 115 12.95 7.53 -9.45
N LEU C 116 11.72 7.33 -9.90
CA LEU C 116 11.46 6.80 -11.24
C LEU C 116 11.85 7.75 -12.35
N ASP C 117 12.16 9.02 -12.04
CA ASP C 117 12.63 9.94 -13.05
C ASP C 117 14.05 9.63 -13.51
N ASN C 118 14.74 8.71 -12.85
CA ASN C 118 16.13 8.33 -13.11
C ASN C 118 17.12 9.44 -12.77
N ILE C 119 16.69 10.46 -12.05
CA ILE C 119 17.52 11.63 -11.75
C ILE C 119 17.68 11.74 -10.25
N CYS C 120 18.88 12.10 -9.81
CA CYS C 120 19.16 12.42 -8.42
C CYS C 120 19.27 13.93 -8.27
N SER C 121 18.34 14.52 -7.52
CA SER C 121 18.25 15.96 -7.37
C SER C 121 18.83 16.37 -6.02
N ILE C 122 19.65 17.41 -6.02
CA ILE C 122 20.28 17.95 -4.82
C ILE C 122 19.61 19.26 -4.48
N TYR C 123 19.13 19.38 -3.23
CA TYR C 123 18.44 20.57 -2.76
C TYR C 123 19.32 21.28 -1.74
N ASN C 124 19.46 22.59 -1.90
CA ASN C 124 20.25 23.41 -0.98
C ASN C 124 19.34 23.97 0.10
N LEU C 125 19.59 23.58 1.34
CA LEU C 125 18.80 24.05 2.47
C LEU C 125 19.32 25.35 3.07
N LYS C 126 20.47 25.84 2.62
CA LYS C 126 21.11 27.03 3.18
C LYS C 126 21.14 28.17 2.17
N THR C 127 20.06 28.34 1.40
CA THR C 127 20.00 29.43 0.44
C THR C 127 19.95 30.78 1.16
N ARG C 128 20.52 31.80 0.50
CA ARG C 128 20.53 33.13 1.08
C ARG C 128 19.11 33.68 1.26
N GLU C 129 18.26 33.49 0.26
CA GLU C 129 16.89 33.98 0.35
C GLU C 129 16.09 33.21 1.39
N GLY C 130 16.45 31.96 1.66
CA GLY C 130 15.78 31.15 2.65
C GLY C 130 14.78 30.15 2.11
N ASN C 131 14.67 30.01 0.80
CA ASN C 131 13.76 29.05 0.17
C ASN C 131 14.58 27.94 -0.48
N VAL C 132 14.20 26.69 -0.20
CA VAL C 132 14.93 25.55 -0.72
C VAL C 132 14.70 25.45 -2.23
N ARG C 133 15.79 25.31 -2.98
CA ARG C 133 15.71 25.19 -4.43
C ARG C 133 16.67 24.09 -4.89
N VAL C 134 16.51 23.69 -6.15
CA VAL C 134 17.35 22.67 -6.75
C VAL C 134 18.72 23.30 -7.01
N SER C 135 19.76 22.77 -6.36
CA SER C 135 21.11 23.25 -6.61
C SER C 135 21.70 22.58 -7.84
N ARG C 136 21.79 21.25 -7.83
CA ARG C 136 22.29 20.49 -8.97
C ARG C 136 21.39 19.28 -9.21
N GLU C 137 21.35 18.85 -10.46
CA GLU C 137 20.49 17.75 -10.89
C GLU C 137 21.33 16.75 -11.67
N LEU C 138 21.45 15.54 -11.13
CA LEU C 138 22.38 14.53 -11.65
C LEU C 138 21.62 13.59 -12.59
N ALA C 139 21.89 13.70 -13.89
CA ALA C 139 21.17 12.93 -14.91
C ALA C 139 22.17 12.08 -15.69
N GLY C 140 22.44 10.88 -15.20
CA GLY C 140 23.31 9.95 -15.92
C GLY C 140 22.85 8.51 -15.88
N HIS C 141 21.82 8.22 -15.11
CA HIS C 141 21.35 6.84 -14.93
C HIS C 141 20.28 6.50 -15.94
N THR C 142 20.27 5.24 -16.38
CA THR C 142 19.25 4.74 -17.29
C THR C 142 18.19 3.93 -16.58
N GLY C 143 18.24 3.86 -15.24
CA GLY C 143 17.22 3.19 -14.47
C GLY C 143 16.78 4.06 -13.31
N TYR C 144 15.74 3.62 -12.61
CA TYR C 144 15.19 4.39 -11.47
C TYR C 144 16.19 4.42 -10.32
N LEU C 145 16.46 5.61 -9.77
CA LEU C 145 17.38 5.73 -8.61
C LEU C 145 16.72 5.01 -7.43
N SER C 146 17.46 4.17 -6.71
CA SER C 146 16.83 3.39 -5.60
C SER C 146 17.47 3.73 -4.25
N CYS C 147 18.68 4.32 -4.27
CA CYS C 147 19.34 4.70 -3.03
C CYS C 147 20.42 5.71 -3.34
N CYS C 148 20.63 6.64 -2.42
CA CYS C 148 21.69 7.64 -2.53
C CYS C 148 22.22 7.95 -1.14
N ARG C 149 23.53 8.15 -1.04
CA ARG C 149 24.17 8.45 0.23
C ARG C 149 25.26 9.48 0.00
N PHE C 150 25.30 10.49 0.86
CA PHE C 150 26.30 11.55 0.79
C PHE C 150 27.58 11.09 1.46
N LEU C 151 28.68 11.11 0.70
CA LEU C 151 29.99 10.99 1.33
C LEU C 151 30.38 12.29 2.02
N ASP C 152 30.12 13.41 1.34
CA ASP C 152 30.24 14.75 1.90
C ASP C 152 29.46 15.69 0.99
N ASP C 153 29.62 16.99 1.18
CA ASP C 153 28.88 17.96 0.38
C ASP C 153 29.29 17.92 -1.09
N ASN C 154 30.51 17.42 -1.38
CA ASN C 154 31.02 17.51 -2.74
C ASN C 154 30.60 16.33 -3.60
N GLN C 155 30.53 15.13 -3.03
CA GLN C 155 30.27 13.94 -3.84
C GLN C 155 29.24 13.05 -3.18
N ILE C 156 28.42 12.40 -4.01
CA ILE C 156 27.36 11.51 -3.59
C ILE C 156 27.45 10.23 -4.40
N VAL C 157 27.04 9.12 -3.80
CA VAL C 157 27.02 7.82 -4.46
C VAL C 157 25.57 7.35 -4.53
N THR C 158 25.14 6.95 -5.72
CA THR C 158 23.75 6.58 -5.99
C THR C 158 23.70 5.21 -6.64
N SER C 159 22.83 4.34 -6.13
CA SER C 159 22.51 3.09 -6.81
C SER C 159 21.24 3.28 -7.64
N SER C 160 21.10 2.46 -8.68
CA SER C 160 20.03 2.66 -9.64
C SER C 160 19.43 1.33 -10.07
N GLY C 161 18.32 1.42 -10.79
CA GLY C 161 17.66 0.26 -11.35
C GLY C 161 18.24 -0.24 -12.65
N ASP C 162 19.29 0.41 -13.16
CA ASP C 162 20.00 -0.07 -14.34
C ASP C 162 21.19 -0.95 -13.96
N THR C 163 21.14 -1.60 -12.80
CA THR C 163 22.17 -2.51 -12.31
C THR C 163 23.53 -1.82 -12.12
N THR C 164 23.54 -0.52 -11.87
CA THR C 164 24.76 0.26 -11.82
C THR C 164 24.75 1.17 -10.60
N CYS C 165 25.89 1.26 -9.90
CA CYS C 165 26.12 2.26 -8.89
C CYS C 165 27.12 3.28 -9.42
N ALA C 166 26.88 4.56 -9.11
CA ALA C 166 27.69 5.64 -9.65
C ALA C 166 28.17 6.54 -8.51
N LEU C 167 29.37 7.09 -8.70
CA LEU C 167 29.95 8.08 -7.80
C LEU C 167 29.91 9.43 -8.52
N TRP C 168 29.21 10.39 -7.95
CA TRP C 168 28.96 11.67 -8.59
C TRP C 168 29.79 12.76 -7.95
N ASP C 169 30.15 13.77 -8.75
CA ASP C 169 30.71 15.01 -8.25
C ASP C 169 29.66 16.09 -8.39
N ILE C 170 29.23 16.65 -7.26
CA ILE C 170 28.06 17.53 -7.26
C ILE C 170 28.35 18.81 -8.05
N GLU C 171 29.54 19.38 -7.88
CA GLU C 171 29.84 20.67 -8.49
C GLU C 171 29.75 20.60 -10.01
N THR C 172 30.45 19.65 -10.62
CA THR C 172 30.42 19.53 -12.08
C THR C 172 29.19 18.78 -12.56
N GLY C 173 28.60 17.94 -11.72
CA GLY C 173 27.40 17.23 -12.09
C GLY C 173 27.59 15.99 -12.93
N GLN C 174 28.82 15.47 -13.00
CA GLN C 174 29.12 14.28 -13.78
C GLN C 174 29.62 13.17 -12.87
N GLN C 175 29.35 11.93 -13.27
CA GLN C 175 29.76 10.78 -12.50
C GLN C 175 31.23 10.48 -12.76
N THR C 176 32.05 10.59 -11.71
CA THR C 176 33.47 10.32 -11.86
C THR C 176 33.76 8.83 -11.97
N THR C 177 33.06 8.02 -11.18
CA THR C 177 33.27 6.58 -11.15
C THR C 177 31.96 5.86 -11.37
N THR C 178 32.01 4.74 -12.10
CA THR C 178 30.84 3.90 -12.34
C THR C 178 31.15 2.50 -11.85
N PHE C 179 30.28 1.96 -11.00
CA PHE C 179 30.44 0.63 -10.42
C PHE C 179 29.54 -0.34 -11.16
N THR C 180 30.13 -1.38 -11.72
CA THR C 180 29.39 -2.37 -12.49
C THR C 180 29.78 -3.77 -12.05
N GLY C 181 28.86 -4.71 -12.25
CA GLY C 181 29.08 -6.08 -11.84
C GLY C 181 27.83 -6.77 -11.35
N HIS C 182 26.80 -5.98 -11.08
CA HIS C 182 25.52 -6.52 -10.64
C HIS C 182 24.67 -6.90 -11.84
N THR C 183 24.22 -8.15 -11.88
CA THR C 183 23.34 -8.59 -12.96
C THR C 183 21.93 -8.04 -12.75
N GLY C 184 21.44 -8.07 -11.51
CA GLY C 184 20.16 -7.47 -11.19
C GLY C 184 20.31 -6.02 -10.75
N ASP C 185 19.18 -5.32 -10.68
CA ASP C 185 19.22 -3.92 -10.32
C ASP C 185 19.47 -3.74 -8.83
N VAL C 186 20.08 -2.62 -8.46
CA VAL C 186 20.54 -2.40 -7.10
C VAL C 186 19.44 -1.72 -6.30
N MET C 187 19.10 -2.31 -5.15
CA MET C 187 18.03 -1.79 -4.31
C MET C 187 18.52 -0.89 -3.20
N SER C 188 19.68 -1.16 -2.62
CA SER C 188 20.16 -0.37 -1.49
C SER C 188 21.67 -0.37 -1.47
N LEU C 189 22.23 0.62 -0.78
CA LEU C 189 23.66 0.71 -0.56
C LEU C 189 23.91 1.30 0.81
N SER C 190 24.98 0.87 1.47
CA SER C 190 25.34 1.35 2.79
C SER C 190 26.81 1.79 2.78
N LEU C 191 27.05 3.02 3.19
CA LEU C 191 28.41 3.51 3.35
C LEU C 191 29.00 3.04 4.68
N ALA C 192 30.29 2.71 4.65
CA ALA C 192 30.99 2.34 5.87
C ALA C 192 31.26 3.58 6.72
N PRO C 193 31.56 3.40 8.01
CA PRO C 193 31.91 4.57 8.83
C PRO C 193 33.05 5.38 8.24
N ASP C 194 34.03 4.73 7.63
CA ASP C 194 34.97 5.41 6.76
C ASP C 194 34.47 5.36 5.32
N THR C 195 34.63 6.46 4.61
CA THR C 195 34.09 6.57 3.25
C THR C 195 34.93 5.84 2.22
N ARG C 196 35.82 4.95 2.68
CA ARG C 196 36.73 4.20 1.77
C ARG C 196 35.94 3.24 0.88
N LEU C 197 35.20 2.30 1.47
CA LEU C 197 34.44 1.31 0.66
C LEU C 197 32.99 1.26 1.14
N PHE C 198 32.08 0.81 0.26
CA PHE C 198 30.64 0.66 0.61
C PHE C 198 30.13 -0.67 0.09
N VAL C 199 28.96 -1.09 0.57
CA VAL C 199 28.34 -2.37 0.12
C VAL C 199 27.01 -2.04 -0.56
N SER C 200 26.58 -2.90 -1.47
CA SER C 200 25.32 -2.74 -2.17
C SER C 200 24.65 -4.10 -2.35
N GLY C 201 23.33 -4.12 -2.23
CA GLY C 201 22.54 -5.33 -2.47
C GLY C 201 21.68 -5.14 -3.70
N ALA C 202 21.59 -6.18 -4.52
CA ALA C 202 20.87 -6.12 -5.78
C ALA C 202 19.82 -7.23 -5.81
N CYS C 203 19.12 -7.31 -6.95
CA CYS C 203 18.07 -8.31 -7.14
C CYS C 203 18.62 -9.66 -7.57
N ASP C 204 19.92 -9.80 -7.73
CA ASP C 204 20.53 -11.09 -8.04
C ASP C 204 20.90 -11.88 -6.79
N ALA C 205 20.37 -11.48 -5.63
CA ALA C 205 20.62 -12.15 -4.35
C ALA C 205 22.10 -12.12 -3.98
N SER C 206 22.82 -11.09 -4.42
CA SER C 206 24.23 -10.96 -4.13
C SER C 206 24.51 -9.56 -3.59
N ALA C 207 25.38 -9.49 -2.59
CA ALA C 207 25.87 -8.23 -2.04
C ALA C 207 27.33 -8.06 -2.44
N LYS C 208 27.68 -6.86 -2.90
CA LYS C 208 29.02 -6.58 -3.40
C LYS C 208 29.66 -5.47 -2.58
N LEU C 209 30.94 -5.64 -2.28
CA LEU C 209 31.72 -4.64 -1.54
C LEU C 209 32.60 -3.89 -2.53
N TRP C 210 32.38 -2.58 -2.64
CA TRP C 210 33.06 -1.73 -3.61
C TRP C 210 34.01 -0.80 -2.88
N ASP C 211 35.20 -0.60 -3.43
CA ASP C 211 36.11 0.42 -2.92
C ASP C 211 35.88 1.70 -3.70
N VAL C 212 35.59 2.78 -3.00
CA VAL C 212 35.19 4.03 -3.67
C VAL C 212 36.33 4.57 -4.51
N ARG C 213 37.56 4.56 -3.98
CA ARG C 213 38.66 5.22 -4.67
C ARG C 213 39.02 4.53 -5.98
N GLU C 214 39.25 3.20 -5.93
CA GLU C 214 39.72 2.49 -7.11
C GLU C 214 38.59 1.85 -7.91
N GLY C 215 37.35 1.93 -7.42
CA GLY C 215 36.18 1.68 -8.25
C GLY C 215 36.03 0.28 -8.82
N MET C 216 36.33 -0.75 -8.03
CA MET C 216 36.05 -2.12 -8.42
C MET C 216 35.48 -2.89 -7.23
N CYS C 217 34.80 -3.99 -7.54
CA CYS C 217 34.18 -4.83 -6.53
C CYS C 217 35.25 -5.67 -5.85
N ARG C 218 35.49 -5.40 -4.56
CA ARG C 218 36.51 -6.14 -3.83
C ARG C 218 36.10 -7.59 -3.62
N GLN C 219 34.85 -7.82 -3.21
CA GLN C 219 34.37 -9.18 -2.99
C GLN C 219 32.86 -9.21 -3.16
N THR C 220 32.34 -10.42 -3.35
CA THR C 220 30.92 -10.65 -3.56
C THR C 220 30.40 -11.63 -2.51
N PHE C 221 29.21 -11.36 -2.00
CA PHE C 221 28.60 -12.16 -0.96
C PHE C 221 27.29 -12.74 -1.50
N THR C 222 27.16 -14.07 -1.44
CA THR C 222 26.02 -14.78 -2.01
C THR C 222 25.50 -15.79 -0.99
N GLY C 223 24.55 -15.36 -0.17
CA GLY C 223 23.90 -16.27 0.76
C GLY C 223 22.39 -16.26 0.63
N HIS C 224 21.86 -15.16 0.10
CA HIS C 224 20.42 -14.98 -0.01
C HIS C 224 19.85 -15.77 -1.18
N GLU C 225 18.54 -16.02 -1.12
CA GLU C 225 17.84 -16.74 -2.17
C GLU C 225 17.00 -15.85 -3.07
N SER C 226 16.75 -14.60 -2.66
CA SER C 226 15.90 -13.71 -3.44
C SER C 226 16.51 -12.31 -3.41
N ASP C 227 15.78 -11.36 -3.99
CA ASP C 227 16.26 -9.99 -4.11
C ASP C 227 16.57 -9.40 -2.73
N ILE C 228 17.71 -8.73 -2.63
CA ILE C 228 18.12 -8.08 -1.39
C ILE C 228 17.58 -6.66 -1.41
N ASN C 229 16.72 -6.33 -0.44
CA ASN C 229 16.08 -5.02 -0.43
C ASN C 229 16.83 -4.04 0.47
N ALA C 230 17.30 -4.53 1.62
CA ALA C 230 17.98 -3.62 2.59
C ALA C 230 19.32 -4.19 3.03
N ILE C 231 20.38 -3.37 2.90
CA ILE C 231 21.75 -3.77 3.35
C ILE C 231 22.24 -2.70 4.34
N CYS C 232 22.72 -3.13 5.51
CA CYS C 232 23.19 -2.17 6.54
C CYS C 232 24.60 -2.56 7.01
N PHE C 233 25.47 -1.70 7.14
CA PHE C 233 26.87 -1.84 7.62
C PHE C 233 26.88 -1.91 9.14
N PHE C 234 27.62 -2.87 9.70
CA PHE C 234 27.75 -3.02 11.17
C PHE C 234 28.51 -1.81 11.71
N PRO C 235 28.20 -1.30 12.92
CA PRO C 235 28.88 -0.12 13.49
C PRO C 235 30.42 -0.16 13.38
N ASN C 236 31.02 -1.32 13.68
CA ASN C 236 32.46 -1.48 13.63
C ASN C 236 32.98 -1.24 12.21
N GLY C 237 32.23 -1.67 11.20
CA GLY C 237 32.63 -1.55 9.82
C GLY C 237 33.24 -2.79 9.22
N ASN C 238 33.38 -3.87 10.00
CA ASN C 238 33.91 -5.13 9.50
C ASN C 238 32.82 -6.09 9.06
N ALA C 239 31.55 -5.72 9.18
CA ALA C 239 30.47 -6.62 8.85
C ALA C 239 29.27 -5.82 8.36
N PHE C 240 28.32 -6.51 7.75
CA PHE C 240 27.09 -5.87 7.32
C PHE C 240 25.96 -6.89 7.32
N ALA C 241 24.74 -6.38 7.39
CA ALA C 241 23.54 -7.20 7.42
C ALA C 241 22.67 -6.88 6.22
N THR C 242 22.01 -7.90 5.66
CA THR C 242 21.19 -7.76 4.48
C THR C 242 19.80 -8.34 4.76
N GLY C 243 18.80 -7.62 4.25
CA GLY C 243 17.38 -8.02 4.32
C GLY C 243 16.94 -8.48 2.95
N SER C 244 16.23 -9.61 2.88
CA SER C 244 15.85 -10.18 1.56
C SER C 244 14.35 -10.49 1.48
N ASP C 245 13.90 -10.86 0.27
CA ASP C 245 12.48 -11.21 -0.05
C ASP C 245 12.18 -12.67 0.31
N ASP C 246 13.19 -13.41 0.80
CA ASP C 246 13.07 -14.84 1.21
C ASP C 246 12.70 -14.93 2.70
N ALA C 247 12.37 -13.77 3.29
CA ALA C 247 11.93 -13.58 4.70
C ALA C 247 13.04 -13.91 5.70
N THR C 248 14.29 -13.53 5.40
CA THR C 248 15.40 -13.79 6.34
C THR C 248 16.39 -12.63 6.33
N CYS C 249 17.17 -12.51 7.42
CA CYS C 249 18.23 -11.46 7.53
C CYS C 249 19.56 -12.20 7.64
N ARG C 250 20.52 -11.87 6.78
CA ARG C 250 21.83 -12.56 6.82
C ARG C 250 22.93 -11.58 7.24
N LEU C 251 23.75 -12.00 8.20
CA LEU C 251 24.87 -11.18 8.64
C LEU C 251 26.14 -11.66 7.95
N PHE C 252 26.76 -10.79 7.15
CA PHE C 252 27.95 -11.12 6.40
C PHE C 252 29.16 -10.43 7.00
N ASP C 253 30.31 -11.08 6.89
CA ASP C 253 31.57 -10.57 7.41
C ASP C 253 32.49 -10.20 6.26
N LEU C 254 33.06 -9.00 6.32
CA LEU C 254 33.98 -8.56 5.27
C LEU C 254 35.28 -9.36 5.28
N ARG C 255 35.90 -9.51 6.44
CA ARG C 255 37.21 -10.15 6.49
C ARG C 255 37.11 -11.67 6.31
N ALA C 256 36.13 -12.30 6.94
CA ALA C 256 35.98 -13.75 6.79
C ALA C 256 35.39 -14.13 5.44
N ASP C 257 34.79 -13.17 4.73
CA ASP C 257 34.22 -13.41 3.41
C ASP C 257 33.11 -14.45 3.44
N GLN C 258 32.35 -14.50 4.54
CA GLN C 258 31.32 -15.50 4.73
C GLN C 258 30.07 -14.88 5.34
N GLU C 259 29.08 -15.74 5.60
CA GLU C 259 27.83 -15.33 6.30
C GLU C 259 27.86 -15.99 7.69
N LEU C 260 27.84 -15.17 8.74
CA LEU C 260 27.96 -15.62 10.13
C LEU C 260 26.63 -16.12 10.68
N MET C 261 25.57 -15.35 10.49
CA MET C 261 24.27 -15.67 11.05
C MET C 261 23.16 -15.44 10.03
N THR C 262 22.03 -16.11 10.29
CA THR C 262 20.78 -15.99 9.49
C THR C 262 19.63 -15.74 10.48
N TYR C 263 18.99 -14.57 10.39
CA TYR C 263 17.92 -14.21 11.31
C TYR C 263 16.59 -14.50 10.64
N SER C 264 15.94 -15.58 11.06
CA SER C 264 14.71 -16.01 10.42
C SER C 264 13.84 -16.72 11.43
N HIS C 265 12.54 -16.76 11.13
CA HIS C 265 11.56 -17.49 11.92
C HIS C 265 10.54 -18.13 11.00
N ASP C 266 9.94 -19.22 11.46
CA ASP C 266 8.96 -19.92 10.65
C ASP C 266 7.68 -19.10 10.48
N ASN C 267 7.30 -18.35 11.52
CA ASN C 267 6.09 -17.56 11.45
C ASN C 267 6.17 -16.49 10.37
N ILE C 268 7.30 -15.81 10.26
CA ILE C 268 7.45 -14.72 9.30
C ILE C 268 7.82 -15.31 7.94
N ILE C 269 7.04 -14.95 6.92
CA ILE C 269 7.27 -15.41 5.56
C ILE C 269 7.31 -14.24 4.57
N CYS C 270 7.25 -13.02 5.06
CA CYS C 270 7.25 -11.84 4.21
C CYS C 270 8.65 -11.28 4.04
N GLY C 271 8.82 -10.45 3.02
CA GLY C 271 10.11 -9.88 2.74
C GLY C 271 10.51 -8.80 3.73
N ILE C 272 11.82 -8.56 3.80
CA ILE C 272 12.38 -7.54 4.67
C ILE C 272 12.65 -6.30 3.82
N THR C 273 11.97 -5.21 4.13
CA THR C 273 12.13 -3.98 3.32
C THR C 273 13.35 -3.19 3.78
N SER C 274 13.46 -2.91 5.08
CA SER C 274 14.64 -2.12 5.53
C SER C 274 15.29 -2.80 6.73
N VAL C 275 16.61 -2.62 6.90
CA VAL C 275 17.33 -3.22 8.06
C VAL C 275 18.28 -2.15 8.60
N SER C 276 18.52 -2.16 9.91
CA SER C 276 19.42 -1.20 10.53
C SER C 276 19.94 -1.77 11.84
N PHE C 277 21.06 -1.22 12.28
CA PHE C 277 21.74 -1.64 13.50
C PHE C 277 21.57 -0.59 14.57
N SER C 278 21.79 -1.00 15.83
CA SER C 278 21.85 -0.07 16.94
C SER C 278 23.25 0.54 17.03
N LYS C 279 23.42 1.45 17.98
CA LYS C 279 24.72 2.11 18.12
C LYS C 279 25.80 1.12 18.53
N SER C 280 25.49 0.21 19.45
CA SER C 280 26.47 -0.79 19.86
C SER C 280 26.57 -1.93 18.86
N GLY C 281 25.60 -2.03 17.94
CA GLY C 281 25.55 -3.14 17.02
C GLY C 281 24.99 -4.41 17.62
N ARG C 282 24.58 -4.40 18.88
CA ARG C 282 24.02 -5.59 19.50
C ARG C 282 22.66 -5.93 18.93
N LEU C 283 21.85 -4.92 18.63
CA LEU C 283 20.49 -5.11 18.13
C LEU C 283 20.44 -4.93 16.62
N LEU C 284 19.65 -5.76 15.95
CA LEU C 284 19.38 -5.63 14.53
C LEU C 284 17.90 -5.32 14.34
N LEU C 285 17.62 -4.18 13.73
CA LEU C 285 16.25 -3.72 13.51
C LEU C 285 15.89 -3.94 12.04
N ALA C 286 14.77 -4.61 11.81
CA ALA C 286 14.37 -4.96 10.46
C ALA C 286 12.89 -4.67 10.24
N GLY C 287 12.59 -3.91 9.18
CA GLY C 287 11.21 -3.73 8.77
C GLY C 287 10.71 -4.91 7.96
N TYR C 288 9.39 -5.03 7.87
CA TYR C 288 8.78 -6.20 7.26
C TYR C 288 7.55 -5.79 6.45
N ASP C 289 7.12 -6.72 5.60
CA ASP C 289 5.88 -6.57 4.84
C ASP C 289 4.65 -6.89 5.67
N ASP C 290 4.81 -7.54 6.82
CA ASP C 290 3.71 -7.87 7.71
C ASP C 290 3.37 -6.73 8.67
N PHE C 291 3.80 -5.50 8.35
CA PHE C 291 3.46 -4.26 9.04
C PHE C 291 4.17 -4.11 10.38
N ASN C 292 5.14 -4.96 10.69
CA ASN C 292 5.82 -4.92 11.98
C ASN C 292 7.32 -4.87 11.78
N CYS C 293 8.02 -4.36 12.79
CA CYS C 293 9.51 -4.27 12.78
C CYS C 293 10.06 -5.15 13.90
N ASN C 294 10.62 -6.31 13.55
CA ASN C 294 11.20 -7.24 14.56
C ASN C 294 12.54 -6.70 15.07
N VAL C 295 12.91 -7.05 16.30
CA VAL C 295 14.23 -6.65 16.88
C VAL C 295 15.00 -7.94 17.15
N TRP C 296 16.18 -8.09 16.55
CA TRP C 296 17.02 -9.31 16.71
C TRP C 296 18.37 -8.95 17.31
N ASP C 297 18.81 -9.61 18.39
CA ASP C 297 20.18 -9.32 18.89
C ASP C 297 21.13 -9.89 17.82
N ALA C 298 22.14 -9.13 17.42
CA ALA C 298 23.04 -9.55 16.31
C ALA C 298 23.93 -10.74 16.69
N LEU C 299 24.06 -11.07 17.97
CA LEU C 299 24.96 -12.18 18.30
C LEU C 299 24.22 -13.52 18.28
N LYS C 300 22.97 -13.54 18.74
CA LYS C 300 22.17 -14.75 18.80
C LYS C 300 21.00 -14.63 17.82
N ALA C 301 20.52 -15.78 17.33
CA ALA C 301 19.44 -15.76 16.35
C ALA C 301 18.08 -15.46 16.98
N ASP C 302 17.98 -15.43 18.30
CA ASP C 302 16.70 -15.29 18.95
C ASP C 302 16.16 -13.86 18.79
N ARG C 303 14.85 -13.76 18.64
CA ARG C 303 14.19 -12.48 18.55
C ARG C 303 13.89 -11.93 19.95
N ALA C 304 14.19 -10.65 20.15
CA ALA C 304 13.97 -9.99 21.44
C ALA C 304 13.32 -8.64 21.17
N GLY C 305 11.99 -8.62 21.15
CA GLY C 305 11.26 -7.39 20.94
C GLY C 305 10.60 -7.33 19.58
N VAL C 306 9.57 -6.49 19.48
CA VAL C 306 8.83 -6.29 18.25
C VAL C 306 8.26 -4.87 18.27
N LEU C 307 8.25 -4.24 17.10
CA LEU C 307 7.76 -2.87 16.95
C LEU C 307 6.50 -2.89 16.10
N ALA C 308 5.35 -2.80 16.75
CA ALA C 308 4.06 -2.84 16.08
C ALA C 308 3.34 -1.52 16.26
N GLY C 309 2.51 -1.17 15.28
CA GLY C 309 1.82 0.10 15.30
C GLY C 309 1.66 0.74 13.94
N HIS C 310 2.15 0.08 12.89
CA HIS C 310 2.00 0.55 11.52
C HIS C 310 0.88 -0.24 10.86
N ASP C 311 -0.03 0.47 10.19
CA ASP C 311 -1.14 -0.18 9.50
C ASP C 311 -0.69 -0.86 8.22
N ASN C 312 0.24 -0.25 7.50
CA ASN C 312 0.74 -0.79 6.24
C ASN C 312 2.20 -1.23 6.43
N ARG C 313 2.80 -1.67 5.33
CA ARG C 313 4.14 -2.24 5.39
C ARG C 313 5.17 -1.16 5.72
N VAL C 314 6.19 -1.56 6.47
CA VAL C 314 7.25 -0.66 6.91
C VAL C 314 8.25 -0.52 5.77
N SER C 315 8.23 0.63 5.10
CA SER C 315 9.09 0.81 3.93
C SER C 315 10.52 1.14 4.34
N CYS C 316 10.69 2.02 5.32
CA CYS C 316 12.01 2.52 5.70
C CYS C 316 12.19 2.45 7.20
N LEU C 317 13.44 2.40 7.64
CA LEU C 317 13.80 2.29 9.04
C LEU C 317 15.12 3.00 9.26
N GLY C 318 15.24 3.71 10.39
CA GLY C 318 16.45 4.46 10.67
C GLY C 318 16.76 4.59 12.15
N VAL C 319 18.04 4.47 12.49
CA VAL C 319 18.51 4.62 13.86
C VAL C 319 19.45 5.82 13.92
N THR C 320 19.29 6.64 14.96
CA THR C 320 20.09 7.85 15.09
C THR C 320 21.54 7.52 15.40
N ASP C 321 22.41 8.51 15.18
CA ASP C 321 23.87 8.38 15.41
C ASP C 321 24.17 8.04 16.87
N ASP C 322 23.50 8.71 17.82
CA ASP C 322 23.77 8.46 19.22
C ASP C 322 23.04 7.21 19.72
N GLY C 323 22.16 6.68 18.88
CA GLY C 323 21.38 5.47 19.19
C GLY C 323 20.21 5.74 20.12
N MET C 324 19.83 7.02 20.25
CA MET C 324 18.74 7.44 21.18
C MET C 324 17.38 6.86 20.74
N ALA C 325 17.06 6.90 19.45
CA ALA C 325 15.73 6.43 18.99
C ALA C 325 15.78 5.78 17.61
N VAL C 326 14.64 5.23 17.19
CA VAL C 326 14.46 4.55 15.91
C VAL C 326 13.27 5.17 15.21
N ALA C 327 13.44 5.53 13.94
CA ALA C 327 12.36 6.09 13.13
C ALA C 327 11.96 5.07 12.08
N THR C 328 10.66 4.79 12.00
CA THR C 328 10.11 3.85 11.03
C THR C 328 9.06 4.55 10.19
N GLY C 329 9.27 4.56 8.87
CA GLY C 329 8.28 5.05 7.93
C GLY C 329 7.55 3.87 7.32
N SER C 330 6.31 4.11 6.88
CA SER C 330 5.47 3.05 6.36
C SER C 330 4.62 3.59 5.22
N TRP C 331 3.85 2.69 4.61
CA TRP C 331 2.97 3.06 3.52
C TRP C 331 1.66 3.68 3.98
N ASP C 332 1.46 3.80 5.28
CA ASP C 332 0.30 4.47 5.84
C ASP C 332 0.53 5.97 6.03
N SER C 333 1.67 6.49 5.57
CA SER C 333 2.03 7.91 5.56
C SER C 333 2.40 8.45 6.93
N PHE C 334 2.79 7.60 7.88
CA PHE C 334 3.15 8.03 9.22
C PHE C 334 4.56 7.57 9.56
N LEU C 335 5.31 8.46 10.20
CA LEU C 335 6.61 8.12 10.79
C LEU C 335 6.45 8.04 12.29
N LYS C 336 7.02 6.99 12.88
CA LYS C 336 6.94 6.79 14.34
C LYS C 336 8.35 6.75 14.93
N ILE C 337 8.59 7.49 16.01
CA ILE C 337 9.92 7.49 16.68
C ILE C 337 9.84 6.56 17.89
N TRP C 338 10.73 5.58 17.99
CA TRP C 338 10.74 4.61 19.11
C TRP C 338 12.02 4.80 19.92
N ASN C 339 11.90 4.95 21.25
CA ASN C 339 13.09 5.14 22.12
C ASN C 339 13.21 3.94 23.08
N ASN D 1 27.63 -13.45 -30.52
CA ASN D 1 27.89 -13.51 -29.08
C ASN D 1 29.11 -12.69 -28.71
N THR D 2 29.34 -11.59 -29.43
CA THR D 2 30.49 -10.74 -29.16
C THR D 2 30.41 -10.13 -27.76
N ALA D 3 29.21 -9.69 -27.35
CA ALA D 3 29.05 -9.17 -26.00
C ALA D 3 29.12 -10.27 -24.95
N SER D 4 28.64 -11.48 -25.29
CA SER D 4 28.63 -12.58 -24.34
C SER D 4 30.03 -12.97 -23.91
N ILE D 5 30.95 -13.08 -24.87
CA ILE D 5 32.31 -13.48 -24.53
C ILE D 5 33.01 -12.41 -23.72
N ALA D 6 32.78 -11.13 -24.04
CA ALA D 6 33.36 -10.06 -23.25
C ALA D 6 32.84 -10.05 -21.83
N GLN D 7 31.52 -10.24 -21.66
CA GLN D 7 30.95 -10.28 -20.32
C GLN D 7 31.47 -11.47 -19.53
N ALA D 8 31.60 -12.63 -20.18
CA ALA D 8 32.10 -13.81 -19.49
C ALA D 8 33.57 -13.64 -19.12
N ARG D 9 34.37 -13.00 -19.98
CA ARG D 9 35.76 -12.74 -19.63
C ARG D 9 35.86 -11.76 -18.47
N LYS D 10 34.98 -10.76 -18.43
CA LYS D 10 34.95 -9.85 -17.29
C LYS D 10 34.57 -10.59 -16.02
N LEU D 11 33.61 -11.50 -16.11
CA LEU D 11 33.25 -12.33 -14.96
C LEU D 11 34.43 -13.17 -14.48
N VAL D 12 35.17 -13.74 -15.42
CA VAL D 12 36.33 -14.56 -15.06
C VAL D 12 37.40 -13.71 -14.38
N GLU D 13 37.65 -12.51 -14.90
CA GLU D 13 38.61 -11.61 -14.27
C GLU D 13 38.17 -11.22 -12.86
N GLN D 14 36.89 -10.92 -12.68
CA GLN D 14 36.37 -10.57 -11.36
C GLN D 14 36.50 -11.75 -10.40
N LEU D 15 36.20 -12.96 -10.88
CA LEU D 15 36.35 -14.14 -10.03
C LEU D 15 37.80 -14.39 -9.66
N LYS D 16 38.72 -14.17 -10.60
CA LYS D 16 40.15 -14.32 -10.29
C LYS D 16 40.59 -13.31 -9.24
N MET D 17 40.14 -12.06 -9.37
CA MET D 17 40.51 -11.04 -8.39
C MET D 17 39.88 -11.34 -7.03
N GLU D 18 38.67 -11.87 -7.01
CA GLU D 18 37.99 -12.18 -5.75
C GLU D 18 38.63 -13.37 -5.05
N ALA D 19 39.28 -14.25 -5.80
CA ALA D 19 39.86 -15.45 -5.19
C ALA D 19 41.13 -15.13 -4.41
N ASN D 20 41.93 -14.18 -4.91
CA ASN D 20 43.22 -13.86 -4.31
C ASN D 20 43.03 -12.78 -3.24
N ILE D 21 42.32 -13.15 -2.19
CA ILE D 21 42.14 -12.30 -1.02
C ILE D 21 42.47 -13.11 0.23
N ASP D 22 42.81 -12.41 1.30
CA ASP D 22 43.21 -13.02 2.56
C ASP D 22 42.02 -13.06 3.50
N ARG D 23 41.67 -14.26 3.95
CA ARG D 23 40.52 -14.48 4.82
C ARG D 23 41.01 -14.91 6.20
N ILE D 24 40.59 -14.18 7.23
CA ILE D 24 40.93 -14.54 8.60
C ILE D 24 39.92 -15.53 9.15
N LYS D 25 40.27 -16.17 10.26
CA LYS D 25 39.42 -17.23 10.82
C LYS D 25 38.05 -16.70 11.21
N VAL D 26 37.02 -17.51 10.98
CA VAL D 26 35.66 -17.12 11.35
C VAL D 26 35.52 -17.01 12.86
N SER D 27 36.20 -17.90 13.61
CA SER D 27 36.17 -17.80 15.06
C SER D 27 36.73 -16.47 15.55
N LYS D 28 37.85 -16.05 14.96
CA LYS D 28 38.45 -14.77 15.33
C LYS D 28 37.51 -13.61 15.01
N ALA D 29 36.87 -13.65 13.84
CA ALA D 29 35.96 -12.58 13.45
C ALA D 29 34.74 -12.52 14.36
N ALA D 30 34.19 -13.68 14.71
CA ALA D 30 33.07 -13.71 15.65
C ALA D 30 33.48 -13.17 17.01
N ALA D 31 34.68 -13.53 17.48
CA ALA D 31 35.17 -12.98 18.74
C ALA D 31 35.32 -11.47 18.66
N ASP D 32 35.79 -11.00 17.49
CA ASP D 32 35.99 -9.55 17.25
C ASP D 32 34.64 -8.83 17.34
N LEU D 33 33.60 -9.39 16.71
CA LEU D 33 32.28 -8.79 16.73
C LEU D 33 31.70 -8.79 18.14
N MET D 34 31.85 -9.91 18.84
CA MET D 34 31.35 -10.04 20.23
C MET D 34 32.05 -9.00 21.11
N ALA D 35 33.37 -8.83 20.95
CA ALA D 35 34.13 -7.88 21.76
C ALA D 35 33.69 -6.45 21.48
N TYR D 36 33.45 -6.11 20.22
CA TYR D 36 32.95 -4.78 19.91
C TYR D 36 31.57 -4.56 20.52
N CYS D 37 30.69 -5.56 20.46
CA CYS D 37 29.36 -5.41 21.03
C CYS D 37 29.40 -5.21 22.53
N GLU D 38 30.27 -5.97 23.21
CA GLU D 38 30.37 -5.92 24.70
C GLU D 38 31.18 -4.71 25.18
N ALA D 39 32.01 -4.12 24.32
CA ALA D 39 32.79 -2.94 24.71
C ALA D 39 31.94 -1.67 24.66
N HIS D 40 30.99 -1.60 23.71
CA HIS D 40 30.15 -0.42 23.54
C HIS D 40 28.74 -0.64 24.06
N ALA D 41 28.55 -1.59 24.98
CA ALA D 41 27.21 -1.90 25.47
C ALA D 41 26.60 -0.71 26.19
N LYS D 42 27.37 -0.04 27.05
CA LYS D 42 26.84 1.07 27.82
C LYS D 42 26.49 2.27 26.95
N GLU D 43 27.20 2.44 25.84
CA GLU D 43 26.94 3.59 24.96
C GLU D 43 25.62 3.44 24.22
N ASP D 44 25.03 2.26 24.21
CA ASP D 44 23.79 2.04 23.48
C ASP D 44 22.58 2.39 24.34
N PRO D 45 21.80 3.40 23.97
CA PRO D 45 20.59 3.70 24.76
C PRO D 45 19.48 2.68 24.56
N LEU D 46 19.44 1.99 23.42
CA LEU D 46 18.41 0.98 23.21
C LEU D 46 18.69 -0.28 24.01
N LEU D 47 19.95 -0.72 24.03
CA LEU D 47 20.30 -1.93 24.76
C LEU D 47 20.12 -1.75 26.26
N THR D 48 20.68 -0.68 26.81
CA THR D 48 20.59 -0.38 28.23
C THR D 48 19.63 0.77 28.45
N PRO D 49 18.61 0.61 29.30
CA PRO D 49 17.61 1.67 29.45
C PRO D 49 18.21 2.96 29.99
N VAL D 50 17.62 4.07 29.56
CA VAL D 50 18.08 5.41 29.92
C VAL D 50 16.98 6.12 30.71
N PRO D 51 17.32 6.84 31.77
CA PRO D 51 16.28 7.59 32.51
C PRO D 51 15.64 8.65 31.62
N ALA D 52 14.37 8.94 31.91
CA ALA D 52 13.62 9.88 31.09
C ALA D 52 14.10 11.32 31.27
N SER D 53 14.95 11.57 32.27
CA SER D 53 15.40 12.93 32.52
C SER D 53 16.23 13.46 31.36
N GLU D 54 17.24 12.72 30.93
CA GLU D 54 18.06 13.12 29.78
C GLU D 54 17.67 12.40 28.50
N ASN D 55 16.53 11.72 28.48
CA ASN D 55 15.99 11.18 27.23
C ASN D 55 15.21 12.28 26.52
N PRO D 56 15.65 12.73 25.35
CA PRO D 56 14.97 13.87 24.71
C PRO D 56 13.56 13.57 24.25
N PHE D 57 13.25 12.32 23.91
CA PHE D 57 11.93 12.01 23.36
C PHE D 57 10.91 11.66 24.44
N ARG D 58 11.37 11.32 25.64
CA ARG D 58 10.46 10.97 26.72
C ARG D 58 9.81 12.21 27.33
N GLN E 1 24.24 -19.80 -2.89
CA GLN E 1 24.23 -19.28 -4.26
C GLN E 1 23.13 -19.96 -5.08
N VAL E 2 22.30 -19.16 -5.74
CA VAL E 2 21.20 -19.68 -6.53
C VAL E 2 21.73 -20.11 -7.89
N GLN E 3 21.71 -21.41 -8.16
CA GLN E 3 22.15 -21.96 -9.43
C GLN E 3 21.12 -22.95 -9.94
N LEU E 4 20.93 -22.98 -11.25
CA LEU E 4 19.98 -23.88 -11.91
C LEU E 4 20.67 -24.50 -13.12
N GLN E 5 20.80 -25.81 -13.11
CA GLN E 5 21.50 -26.54 -14.18
C GLN E 5 20.50 -27.38 -14.96
N GLU E 6 20.44 -27.15 -16.27
CA GLU E 6 19.56 -27.89 -17.16
C GLU E 6 20.34 -29.03 -17.82
N SER E 7 19.66 -30.14 -18.05
CA SER E 7 20.26 -31.29 -18.69
C SER E 7 19.20 -32.05 -19.48
N GLY E 8 19.65 -32.87 -20.41
CA GLY E 8 18.75 -33.66 -21.23
C GLY E 8 18.44 -33.07 -22.60
N GLY E 9 19.13 -32.01 -23.00
CA GLY E 9 18.90 -31.42 -24.30
C GLY E 9 19.82 -32.02 -25.34
N GLY E 10 19.26 -32.27 -26.53
CA GLY E 10 20.05 -32.85 -27.61
C GLY E 10 19.26 -32.83 -28.90
N LEU E 11 19.93 -33.28 -29.96
CA LEU E 11 19.30 -33.38 -31.26
C LEU E 11 18.40 -34.61 -31.31
N VAL E 12 17.15 -34.42 -31.74
CA VAL E 12 16.18 -35.50 -31.80
C VAL E 12 15.42 -35.42 -33.12
N GLN E 13 14.86 -36.57 -33.52
CA GLN E 13 14.02 -36.61 -34.70
C GLN E 13 12.64 -36.05 -34.39
N PRO E 14 11.95 -35.49 -35.38
CA PRO E 14 10.58 -35.02 -35.14
C PRO E 14 9.68 -36.15 -34.67
N GLY E 15 8.83 -35.83 -33.69
CA GLY E 15 7.95 -36.82 -33.10
C GLY E 15 8.58 -37.73 -32.08
N GLY E 16 9.78 -37.41 -31.60
CA GLY E 16 10.50 -38.25 -30.65
C GLY E 16 10.37 -37.73 -29.24
N SER E 17 10.40 -38.65 -28.27
CA SER E 17 10.30 -38.29 -26.87
C SER E 17 11.60 -37.69 -26.37
N LEU E 18 11.49 -36.61 -25.60
CA LEU E 18 12.64 -35.95 -25.00
C LEU E 18 12.27 -35.46 -23.62
N ARG E 19 13.17 -35.63 -22.66
CA ARG E 19 12.94 -35.27 -21.27
C ARG E 19 14.04 -34.32 -20.81
N LEU E 20 13.63 -33.22 -20.18
CA LEU E 20 14.55 -32.21 -19.67
C LEU E 20 14.53 -32.23 -18.15
N SER E 21 15.71 -32.27 -17.55
CA SER E 21 15.86 -32.25 -16.09
C SER E 21 16.60 -30.99 -15.69
N CYS E 22 16.09 -30.30 -14.67
CA CYS E 22 16.71 -29.09 -14.13
C CYS E 22 17.05 -29.35 -12.67
N ALA E 23 18.34 -29.36 -12.35
CA ALA E 23 18.80 -29.55 -10.98
C ALA E 23 18.98 -28.18 -10.35
N ALA E 24 18.29 -27.93 -9.24
CA ALA E 24 18.28 -26.63 -8.57
C ALA E 24 18.83 -26.80 -7.16
N SER E 25 19.71 -25.88 -6.77
CA SER E 25 20.29 -25.89 -5.43
C SER E 25 20.54 -24.45 -5.01
N GLY E 26 20.72 -24.27 -3.70
CA GLY E 26 20.94 -22.95 -3.14
C GLY E 26 19.72 -22.28 -2.56
N PHE E 27 18.55 -22.92 -2.64
CA PHE E 27 17.33 -22.37 -2.09
C PHE E 27 16.39 -23.51 -1.75
N THR E 28 15.36 -23.19 -0.97
CA THR E 28 14.33 -24.17 -0.62
C THR E 28 13.44 -24.38 -1.83
N PHE E 29 13.56 -25.56 -2.46
CA PHE E 29 12.87 -25.79 -3.73
C PHE E 29 11.36 -25.81 -3.57
N SER E 30 10.86 -26.18 -2.40
CA SER E 30 9.41 -26.33 -2.21
C SER E 30 8.71 -24.99 -2.08
N ASN E 31 9.45 -23.91 -1.81
CA ASN E 31 8.82 -22.63 -1.53
C ASN E 31 8.56 -21.81 -2.79
N TYR E 32 9.10 -22.21 -3.93
CA TYR E 32 9.10 -21.39 -5.13
C TYR E 32 8.32 -22.06 -6.25
N LYS E 33 7.69 -21.23 -7.08
CA LYS E 33 7.07 -21.70 -8.31
C LYS E 33 8.11 -21.71 -9.43
N MET E 34 8.16 -22.81 -10.17
CA MET E 34 9.16 -23.01 -11.21
C MET E 34 8.53 -22.85 -12.59
N ASN E 35 9.34 -22.44 -13.55
CA ASN E 35 8.89 -22.21 -14.92
C ASN E 35 9.83 -22.87 -15.90
N TRP E 36 9.36 -23.00 -17.14
CA TRP E 36 10.21 -23.37 -18.27
C TRP E 36 10.06 -22.29 -19.33
N VAL E 37 11.19 -21.79 -19.82
CA VAL E 37 11.19 -20.76 -20.86
C VAL E 37 12.15 -21.21 -21.96
N ARG E 38 11.90 -20.71 -23.18
CA ARG E 38 12.70 -21.08 -24.33
C ARG E 38 12.95 -19.86 -25.19
N GLN E 39 14.03 -19.90 -25.97
CA GLN E 39 14.41 -18.81 -26.85
C GLN E 39 14.74 -19.39 -28.22
N ALA E 40 13.82 -19.21 -29.17
CA ALA E 40 14.07 -19.65 -30.53
C ALA E 40 15.18 -18.81 -31.18
N PRO E 41 15.90 -19.36 -32.15
CA PRO E 41 16.96 -18.59 -32.82
C PRO E 41 16.38 -17.36 -33.49
N GLY E 42 17.01 -16.21 -33.24
CA GLY E 42 16.54 -14.96 -33.78
C GLY E 42 15.28 -14.41 -33.15
N LYS E 43 14.83 -14.97 -32.03
CA LYS E 43 13.61 -14.55 -31.38
C LYS E 43 13.87 -14.37 -29.90
N GLY E 44 13.00 -13.60 -29.25
CA GLY E 44 13.11 -13.37 -27.82
C GLY E 44 12.63 -14.54 -27.01
N LEU E 45 12.89 -14.47 -25.70
CA LEU E 45 12.45 -15.52 -24.79
C LEU E 45 10.93 -15.54 -24.70
N GLU E 46 10.37 -16.75 -24.68
CA GLU E 46 8.94 -16.93 -24.55
C GLU E 46 8.65 -17.98 -23.49
N TRP E 47 7.54 -17.81 -22.79
CA TRP E 47 7.17 -18.69 -21.70
C TRP E 47 6.54 -19.97 -22.24
N VAL E 48 6.87 -21.09 -21.60
CA VAL E 48 6.42 -22.41 -22.03
C VAL E 48 5.45 -23.03 -21.02
N SER E 49 5.89 -23.18 -19.77
CA SER E 49 5.06 -23.82 -18.76
C SER E 49 5.55 -23.42 -17.37
N ASP E 50 4.68 -23.62 -16.39
CA ASP E 50 5.06 -23.45 -14.99
C ASP E 50 4.29 -24.45 -14.15
N ILE E 51 4.84 -24.71 -12.96
CA ILE E 51 4.21 -25.60 -11.98
C ILE E 51 4.26 -24.91 -10.63
N SER E 52 3.16 -25.02 -9.87
CA SER E 52 3.08 -24.38 -8.57
C SER E 52 4.03 -25.03 -7.59
N GLN E 53 4.08 -24.47 -6.36
CA GLN E 53 4.97 -24.99 -5.34
C GLN E 53 4.60 -26.42 -4.97
N SER E 54 3.32 -26.68 -4.77
CA SER E 54 2.87 -28.03 -4.43
C SER E 54 2.85 -28.94 -5.65
N GLY E 55 2.63 -28.37 -6.83
CA GLY E 55 2.47 -29.14 -8.05
C GLY E 55 1.04 -29.33 -8.50
N ALA E 56 0.06 -28.83 -7.74
CA ALA E 56 -1.34 -29.01 -8.12
C ALA E 56 -1.71 -28.14 -9.31
N SER E 57 -1.24 -26.90 -9.34
CA SER E 57 -1.56 -25.98 -10.43
C SER E 57 -0.48 -26.06 -11.50
N ILE E 58 -0.89 -26.41 -12.71
CA ILE E 58 0.02 -26.58 -13.84
C ILE E 58 -0.58 -25.87 -15.04
N SER E 59 0.24 -25.10 -15.74
CA SER E 59 -0.20 -24.38 -16.94
C SER E 59 0.82 -24.55 -18.04
N TYR E 60 0.35 -24.46 -19.28
CA TYR E 60 1.20 -24.56 -20.46
C TYR E 60 0.83 -23.46 -21.45
N THR E 61 1.79 -23.12 -22.31
CA THR E 61 1.47 -22.26 -23.44
C THR E 61 0.65 -23.02 -24.46
N GLY E 62 -0.06 -22.28 -25.31
CA GLY E 62 -0.98 -22.90 -26.24
C GLY E 62 -0.31 -23.80 -27.26
N SER E 63 0.91 -23.46 -27.67
CA SER E 63 1.59 -24.24 -28.70
C SER E 63 1.90 -25.65 -28.23
N VAL E 64 2.25 -25.82 -26.95
CA VAL E 64 2.65 -27.12 -26.42
C VAL E 64 1.60 -27.74 -25.53
N LYS E 65 0.42 -27.15 -25.43
CA LYS E 65 -0.62 -27.67 -24.56
C LYS E 65 -1.07 -29.04 -25.03
N GLY E 66 -1.13 -29.99 -24.11
CA GLY E 66 -1.47 -31.36 -24.44
C GLY E 66 -0.34 -32.16 -25.04
N ARG E 67 0.84 -31.57 -25.18
CA ARG E 67 1.99 -32.20 -25.80
C ARG E 67 3.20 -32.27 -24.87
N PHE E 68 3.41 -31.26 -24.04
CA PHE E 68 4.46 -31.24 -23.04
C PHE E 68 3.82 -31.48 -21.68
N THR E 69 4.55 -32.17 -20.80
CA THR E 69 4.14 -32.31 -19.41
C THR E 69 5.28 -31.88 -18.50
N ILE E 70 4.94 -31.23 -17.40
CA ILE E 70 5.91 -30.67 -16.47
C ILE E 70 5.66 -31.26 -15.09
N SER E 71 6.72 -31.70 -14.42
CA SER E 71 6.63 -32.26 -13.09
C SER E 71 7.84 -31.82 -12.29
N ARG E 72 7.67 -31.80 -10.97
CA ARG E 72 8.73 -31.42 -10.05
C ARG E 72 8.82 -32.44 -8.93
N ASP E 73 10.05 -32.65 -8.45
CA ASP E 73 10.32 -33.52 -7.32
C ASP E 73 10.86 -32.66 -6.19
N ASN E 74 9.99 -32.33 -5.22
CA ASN E 74 10.40 -31.46 -4.13
C ASN E 74 11.45 -32.12 -3.24
N ALA E 75 11.38 -33.45 -3.09
CA ALA E 75 12.39 -34.16 -2.32
C ALA E 75 13.75 -34.10 -2.99
N LYS E 76 13.78 -34.23 -4.32
CA LYS E 76 15.04 -34.25 -5.07
C LYS E 76 15.43 -32.88 -5.61
N ASN E 77 14.60 -31.85 -5.38
CA ASN E 77 14.91 -30.48 -5.80
C ASN E 77 15.20 -30.41 -7.30
N THR E 78 14.39 -31.11 -8.10
CA THR E 78 14.58 -31.14 -9.54
C THR E 78 13.26 -30.86 -10.25
N LEU E 79 13.37 -30.24 -11.43
CA LEU E 79 12.22 -29.89 -12.25
C LEU E 79 12.33 -30.64 -13.58
N TYR E 80 11.25 -31.29 -13.98
CA TYR E 80 11.22 -32.12 -15.17
C TYR E 80 10.29 -31.54 -16.22
N LEU E 81 10.67 -31.69 -17.49
CA LEU E 81 9.82 -31.36 -18.62
C LEU E 81 9.94 -32.48 -19.65
N GLN E 82 8.83 -33.16 -19.91
CA GLN E 82 8.80 -34.27 -20.85
C GLN E 82 8.14 -33.80 -22.15
N MET E 83 8.82 -34.00 -23.27
CA MET E 83 8.35 -33.58 -24.58
C MET E 83 8.08 -34.84 -25.40
N ASN E 84 6.81 -35.27 -25.41
CA ASN E 84 6.45 -36.52 -26.07
C ASN E 84 6.69 -36.44 -27.58
N SER E 85 6.15 -35.41 -28.22
CA SER E 85 6.36 -35.17 -29.65
C SER E 85 6.61 -33.69 -29.84
N LEU E 86 7.36 -33.34 -30.87
CA LEU E 86 7.73 -31.94 -31.07
C LEU E 86 7.91 -31.64 -32.54
N LYS E 87 7.29 -30.54 -32.98
CA LYS E 87 7.44 -30.05 -34.33
C LYS E 87 8.83 -29.43 -34.50
N PRO E 88 9.30 -29.24 -35.74
CA PRO E 88 10.61 -28.60 -35.91
C PRO E 88 10.56 -27.09 -35.70
N GLU E 89 9.44 -26.60 -35.14
CA GLU E 89 9.36 -25.19 -34.77
C GLU E 89 10.10 -24.91 -33.47
N ASP E 90 10.03 -25.83 -32.51
CA ASP E 90 10.56 -25.58 -31.17
C ASP E 90 12.00 -26.10 -31.04
N THR E 91 12.85 -25.65 -31.95
CA THR E 91 14.28 -25.89 -31.87
C THR E 91 14.94 -24.71 -31.15
N ALA E 92 14.80 -24.66 -29.83
CA ALA E 92 15.39 -23.53 -29.08
C ALA E 92 16.05 -24.03 -27.79
N VAL E 93 16.76 -23.13 -27.09
CA VAL E 93 17.41 -23.48 -25.80
C VAL E 93 16.33 -23.38 -24.72
N TYR E 94 16.22 -24.40 -23.86
CA TYR E 94 15.18 -24.40 -22.80
C TYR E 94 15.82 -24.12 -21.43
N TYR E 95 15.32 -23.07 -20.75
CA TYR E 95 15.80 -22.72 -19.43
C TYR E 95 14.75 -23.02 -18.39
N CYS E 96 15.18 -23.44 -17.20
CA CYS E 96 14.31 -23.52 -16.04
C CYS E 96 14.47 -22.24 -15.23
N ALA E 97 13.39 -21.47 -15.11
CA ALA E 97 13.43 -20.16 -14.48
C ALA E 97 12.57 -20.19 -13.23
N ARG E 98 13.16 -19.82 -12.09
CA ARG E 98 12.44 -19.76 -10.84
C ARG E 98 11.79 -18.39 -10.67
N CYS E 99 10.60 -18.38 -10.08
CA CYS E 99 9.95 -17.12 -9.77
C CYS E 99 10.78 -16.35 -8.73
N PRO E 100 10.82 -15.02 -8.83
CA PRO E 100 11.75 -14.26 -7.97
C PRO E 100 11.50 -14.41 -6.48
N ALA E 101 10.25 -14.56 -6.04
CA ALA E 101 9.98 -14.56 -4.62
C ALA E 101 9.23 -15.82 -4.20
N PRO E 102 9.41 -16.26 -2.96
CA PRO E 102 8.68 -17.43 -2.48
C PRO E 102 7.31 -17.07 -1.93
N PHE E 103 6.43 -18.08 -1.89
CA PHE E 103 5.08 -17.93 -1.37
C PHE E 103 4.32 -16.82 -2.09
N THR E 104 4.53 -16.70 -3.39
CA THR E 104 3.96 -15.63 -4.18
C THR E 104 3.19 -16.20 -5.37
N ARG E 105 2.00 -15.65 -5.62
CA ARG E 105 1.18 -16.12 -6.73
C ARG E 105 1.75 -15.65 -8.07
N ASP E 106 2.24 -14.42 -8.13
CA ASP E 106 2.75 -13.86 -9.38
C ASP E 106 4.15 -14.36 -9.67
N CYS E 107 4.52 -14.31 -10.95
CA CYS E 107 5.87 -14.67 -11.40
C CYS E 107 6.33 -13.59 -12.37
N PHE E 108 6.95 -12.54 -11.82
CA PHE E 108 7.35 -11.40 -12.61
C PHE E 108 8.69 -11.62 -13.28
N ASP E 109 8.85 -11.05 -14.48
CA ASP E 109 10.13 -10.90 -15.16
C ASP E 109 10.79 -12.24 -15.45
N VAL E 110 10.04 -13.33 -15.48
CA VAL E 110 10.67 -14.67 -15.70
C VAL E 110 11.24 -14.78 -17.11
N THR E 111 10.71 -14.00 -18.06
CA THR E 111 11.19 -14.03 -19.44
C THR E 111 12.02 -12.79 -19.79
N SER E 112 12.48 -12.03 -18.79
CA SER E 112 13.28 -10.86 -19.06
C SER E 112 14.64 -11.26 -19.63
N THR E 113 15.24 -10.35 -20.40
CA THR E 113 16.50 -10.66 -21.06
C THR E 113 17.61 -10.92 -20.05
N THR E 114 17.60 -10.22 -18.93
CA THR E 114 18.65 -10.34 -17.92
C THR E 114 18.11 -10.84 -16.58
N TYR E 115 17.26 -11.85 -16.60
CA TYR E 115 16.73 -12.40 -15.36
C TYR E 115 17.81 -13.20 -14.64
N ALA E 116 17.97 -12.92 -13.35
CA ALA E 116 19.08 -13.50 -12.58
C ALA E 116 18.83 -14.96 -12.21
N TYR E 117 17.58 -15.32 -11.93
CA TYR E 117 17.25 -16.64 -11.42
C TYR E 117 16.96 -17.64 -12.52
N ARG E 118 17.26 -17.31 -13.77
CA ARG E 118 17.13 -18.24 -14.87
C ARG E 118 18.41 -19.07 -15.00
N GLY E 119 18.25 -20.31 -15.44
CA GLY E 119 19.38 -21.21 -15.59
C GLY E 119 20.17 -20.96 -16.86
N GLN E 120 21.20 -21.79 -17.06
CA GLN E 120 22.05 -21.66 -18.24
C GLN E 120 21.35 -22.15 -19.50
N GLY E 121 20.59 -23.23 -19.42
CA GLY E 121 19.81 -23.71 -20.53
C GLY E 121 20.45 -24.88 -21.25
N THR E 122 19.61 -25.61 -21.98
CA THR E 122 20.04 -26.71 -22.84
C THR E 122 19.45 -26.50 -24.22
N GLN E 123 20.27 -26.73 -25.25
CA GLN E 123 19.81 -26.56 -26.63
C GLN E 123 19.09 -27.83 -27.09
N VAL E 124 17.87 -27.66 -27.59
CA VAL E 124 17.10 -28.76 -28.16
C VAL E 124 16.92 -28.46 -29.64
N THR E 125 17.38 -29.37 -30.49
CA THR E 125 17.33 -29.19 -31.93
C THR E 125 16.49 -30.30 -32.56
N VAL E 126 15.59 -29.91 -33.45
CA VAL E 126 14.72 -30.85 -34.16
C VAL E 126 15.07 -30.76 -35.64
N SER E 127 15.53 -31.87 -36.21
CA SER E 127 15.92 -31.90 -37.61
C SER E 127 15.65 -33.28 -38.18
N SER E 128 15.47 -33.34 -39.49
CA SER E 128 15.23 -34.60 -40.18
C SER E 128 16.55 -35.20 -40.67
#